data_6EQ9
#
_entry.id   6EQ9
#
_cell.length_a   156.729
_cell.length_b   110.490
_cell.length_c   43.951
_cell.angle_alpha   90.00
_cell.angle_beta   90.00
_cell.angle_gamma   90.00
#
_symmetry.space_group_name_H-M   'P 21 21 2'
#
loop_
_entity.id
_entity.type
_entity.pdbx_description
1 polymer 'Mitogen-activated protein kinase 10'
2 non-polymer 'MAGNESIUM ION'
3 non-polymer 'SODIUM ION'
4 non-polymer BETA-MERCAPTOETHANOL
5 non-polymer 'PHOSPHOMETHYLPHOSPHONIC ACID ADENYLATE ESTER'
6 non-polymer N-DODECYL-N,N-DIMETHYL-3-AMMONIO-1-PROPANESULFONATE
7 non-polymer DI(HYDROXYETHYL)ETHER
8 non-polymer 'CHLORIDE ION'
9 water water
#
_entity_poly.entity_id   1
_entity_poly.type   'polypeptide(L)'
_entity_poly.pdbx_seq_one_letter_code
;GGSMSKSKVDNQFYSVEVGDSTFTVLKRYQNLKPIGSGAQGIVCAAYDAVLDRNVAIKKLSRPFQNQTHAKRAYRELVLM
KCVNHKNIISLLNVFTPQKTLEEFQDVYLVMELMDANLCQVIQMELDHERMSYLLYQMLCGIKHLHSAGIIHRDLKPSNI
VVKSDCTLKILDFGLARTAGTSFMMTPYVVTRYYRAPEVILGMGYKENVDIWSVGCIMGEMVRHKILFPGRDYIDQWNKV
IEQLGTPCPEFMKKLQPTVRNYVENRPKYAGLTFPKLFPDSLFPADSEHNKLKASQARDLLSKMLVIDPAKRISVDDALQ
HPYINVWYDPAEVEAPPPQIYDKQLDEREHTIEEWKELIYKEVMNSE
;
_entity_poly.pdbx_strand_id   A,B
#
loop_
_chem_comp.id
_chem_comp.type
_chem_comp.name
_chem_comp.formula
ACP non-polymer 'PHOSPHOMETHYLPHOSPHONIC ACID ADENYLATE ESTER' 'C11 H18 N5 O12 P3'
BME non-polymer BETA-MERCAPTOETHANOL 'C2 H6 O S'
C15 non-polymer N-DODECYL-N,N-DIMETHYL-3-AMMONIO-1-PROPANESULFONATE 'C17 H38 N O3 S 1'
CL non-polymer 'CHLORIDE ION' 'Cl -1'
MG non-polymer 'MAGNESIUM ION' 'Mg 2'
NA non-polymer 'SODIUM ION' 'Na 1'
PEG non-polymer DI(HYDROXYETHYL)ETHER 'C4 H10 O3'
#
# COMPACT_ATOMS: atom_id res chain seq x y z
N ASN A 11 -44.36 -10.08 2.22
CA ASN A 11 -42.89 -9.97 2.04
C ASN A 11 -42.18 -9.71 3.38
N GLN A 12 -40.96 -10.23 3.49
CA GLN A 12 -40.25 -10.30 4.79
C GLN A 12 -39.32 -9.12 5.03
N PHE A 13 -39.11 -8.31 3.98
CA PHE A 13 -38.17 -7.19 3.99
C PHE A 13 -38.88 -5.87 3.76
N TYR A 14 -38.32 -4.78 4.30
CA TYR A 14 -38.66 -3.42 3.89
C TYR A 14 -37.37 -2.62 3.62
N SER A 15 -37.48 -1.51 2.87
CA SER A 15 -36.34 -0.62 2.62
C SER A 15 -36.44 0.71 3.35
N VAL A 16 -35.32 1.19 3.87
CA VAL A 16 -35.23 2.51 4.49
C VAL A 16 -33.90 3.15 4.07
N GLU A 17 -33.90 4.46 3.89
CA GLU A 17 -32.72 5.18 3.54
C GLU A 17 -32.18 5.67 4.85
N VAL A 18 -30.92 5.31 5.15
CA VAL A 18 -30.25 5.71 6.42
C VAL A 18 -28.84 6.04 6.09
N GLY A 19 -28.36 7.15 6.61
CA GLY A 19 -26.98 7.56 6.38
C GLY A 19 -26.60 7.60 4.92
N ASP A 20 -27.50 8.12 4.10
CA ASP A 20 -27.35 8.17 2.66
C ASP A 20 -27.15 6.82 1.97
N SER A 21 -27.67 5.73 2.53
CA SER A 21 -27.66 4.46 1.79
C SER A 21 -28.93 3.71 2.01
N THR A 22 -29.25 2.83 1.07
CA THR A 22 -30.45 2.02 1.14
C THR A 22 -30.25 0.73 1.94
N PHE A 23 -30.95 0.61 3.07
CA PHE A 23 -30.95 -0.60 3.90
C PHE A 23 -32.22 -1.34 3.62
N THR A 24 -32.12 -2.54 3.05
CA THR A 24 -33.25 -3.43 2.90
C THR A 24 -33.11 -4.59 3.86
N VAL A 25 -33.97 -4.60 4.88
CA VAL A 25 -33.76 -5.45 6.02
C VAL A 25 -35.01 -6.17 6.37
N LEU A 26 -34.85 -7.23 7.16
CA LEU A 26 -35.96 -7.97 7.72
C LEU A 26 -36.82 -7.08 8.61
N LYS A 27 -38.14 -7.29 8.55
CA LYS A 27 -39.09 -6.40 9.25
C LYS A 27 -38.94 -6.40 10.74
N ARG A 28 -38.35 -7.47 11.29
CA ARG A 28 -38.02 -7.51 12.70
C ARG A 28 -37.13 -6.35 13.17
N TYR A 29 -36.34 -5.80 12.25
CA TYR A 29 -35.38 -4.74 12.55
C TYR A 29 -35.98 -3.40 12.27
N GLN A 30 -36.13 -2.61 13.32
CA GLN A 30 -36.91 -1.42 13.30
C GLN A 30 -36.11 -0.23 13.76
N ASN A 31 -36.56 0.92 13.32
CA ASN A 31 -36.04 2.21 13.72
C ASN A 31 -34.51 2.34 13.52
N LEU A 32 -34.06 2.04 12.32
CA LEU A 32 -32.64 2.12 12.03
C LEU A 32 -32.12 3.54 12.18
N LYS A 33 -30.99 3.70 12.84
CA LYS A 33 -30.36 5.01 12.95
C LYS A 33 -28.86 4.84 12.64
N PRO A 34 -28.23 5.78 11.90
CA PRO A 34 -26.81 5.62 11.62
C PRO A 34 -25.93 5.77 12.87
N ILE A 35 -24.93 4.89 13.03
CA ILE A 35 -23.95 4.99 14.14
C ILE A 35 -22.48 4.95 13.69
N GLY A 36 -22.21 4.81 12.40
CA GLY A 36 -20.84 4.75 11.92
C GLY A 36 -20.70 4.14 10.54
N SER A 37 -19.52 4.33 9.96
CA SER A 37 -19.15 3.68 8.72
C SER A 37 -17.66 3.74 8.51
N GLY A 38 -17.20 2.89 7.62
CA GLY A 38 -15.85 2.97 7.12
C GLY A 38 -15.82 2.35 5.75
N ALA A 39 -14.65 1.90 5.32
CA ALA A 39 -14.46 1.39 3.97
C ALA A 39 -15.26 0.12 3.71
N GLN A 40 -15.38 -0.76 4.71
CA GLN A 40 -16.01 -2.09 4.53
C GLN A 40 -17.55 -2.09 4.70
N GLY A 41 -18.13 -1.05 5.28
CA GLY A 41 -19.59 -1.01 5.41
C GLY A 41 -20.17 0.17 6.17
N ILE A 42 -21.49 0.24 6.18
CA ILE A 42 -22.24 1.31 6.81
C ILE A 42 -23.03 0.68 7.92
N VAL A 43 -23.04 1.32 9.10
CA VAL A 43 -23.54 0.68 10.30
C VAL A 43 -24.68 1.46 10.98
N CYS A 44 -25.76 0.74 11.31
CA CYS A 44 -26.91 1.31 11.97
C CYS A 44 -27.22 0.61 13.25
N ALA A 45 -27.80 1.35 14.18
CA ALA A 45 -28.44 0.77 15.35
C ALA A 45 -29.89 0.48 14.95
N ALA A 46 -30.46 -0.57 15.48
CA ALA A 46 -31.83 -0.91 15.25
C ALA A 46 -32.40 -1.61 16.45
N TYR A 47 -33.72 -1.61 16.53
CA TYR A 47 -34.41 -2.43 17.50
C TYR A 47 -34.81 -3.76 16.86
N ASP A 48 -34.39 -4.89 17.46
CA ASP A 48 -34.82 -6.22 17.01
C ASP A 48 -36.11 -6.60 17.78
N ALA A 49 -37.20 -6.84 17.04
CA ALA A 49 -38.50 -7.17 17.65
C ALA A 49 -38.67 -8.66 18.00
N VAL A 50 -38.01 -9.57 17.26
CA VAL A 50 -38.00 -11.00 17.58
C VAL A 50 -37.25 -11.22 18.92
N LEU A 51 -35.95 -10.89 18.94
CA LEU A 51 -35.25 -10.70 20.22
C LEU A 51 -35.86 -9.43 20.71
N ASP A 52 -35.71 -9.07 21.97
CA ASP A 52 -36.27 -7.81 22.43
C ASP A 52 -35.14 -6.95 22.92
N ARG A 53 -34.31 -6.52 21.97
CA ARG A 53 -33.06 -5.80 22.28
C ARG A 53 -32.57 -5.01 21.07
N ASN A 54 -31.77 -3.99 21.34
CA ASN A 54 -31.09 -3.25 20.27
C ASN A 54 -29.91 -4.06 19.67
N VAL A 55 -29.65 -3.83 18.39
CA VAL A 55 -28.60 -4.49 17.66
C VAL A 55 -27.95 -3.47 16.78
N ALA A 56 -26.83 -3.86 16.18
CA ALA A 56 -26.12 -3.08 15.18
C ALA A 56 -26.22 -3.86 13.90
N ILE A 57 -26.56 -3.18 12.81
CA ILE A 57 -26.61 -3.79 11.47
C ILE A 57 -25.61 -3.11 10.55
N LYS A 58 -24.74 -3.93 9.96
CA LYS A 58 -23.79 -3.46 9.00
C LYS A 58 -24.15 -4.03 7.64
N LYS A 59 -24.30 -3.13 6.69
CA LYS A 59 -24.43 -3.46 5.28
C LYS A 59 -23.04 -3.44 4.67
N LEU A 60 -22.57 -4.56 4.13
CA LEU A 60 -21.21 -4.54 3.56
C LEU A 60 -21.21 -3.66 2.31
N SER A 61 -20.17 -2.81 2.22
CA SER A 61 -20.00 -1.88 1.11
C SER A 61 -19.29 -2.61 0.00
N ARG A 62 -20.01 -2.87 -1.09
CA ARG A 62 -19.39 -3.33 -2.32
C ARG A 62 -18.50 -4.58 -2.09
N PRO A 63 -19.06 -5.63 -1.41
CA PRO A 63 -18.27 -6.84 -1.07
C PRO A 63 -17.67 -7.58 -2.25
N PHE A 64 -18.22 -7.34 -3.46
CA PHE A 64 -17.73 -8.02 -4.69
C PHE A 64 -17.17 -7.02 -5.67
N GLN A 65 -16.74 -5.86 -5.18
CA GLN A 65 -16.08 -4.87 -6.00
C GLN A 65 -14.80 -5.49 -6.63
N ASN A 66 -14.14 -6.38 -5.88
CA ASN A 66 -12.89 -7.01 -6.29
C ASN A 66 -12.56 -8.15 -5.32
N GLN A 67 -11.49 -8.90 -5.58
CA GLN A 67 -11.17 -10.08 -4.76
C GLN A 67 -10.79 -9.75 -3.31
N THR A 68 -10.18 -8.59 -3.09
CA THR A 68 -9.82 -8.18 -1.73
C THR A 68 -11.06 -7.97 -0.88
N HIS A 69 -12.02 -7.23 -1.41
CA HIS A 69 -13.29 -7.01 -0.75
C HIS A 69 -13.97 -8.34 -0.45
N ALA A 70 -13.97 -9.27 -1.41
CA ALA A 70 -14.70 -10.51 -1.23
C ALA A 70 -14.02 -11.40 -0.22
N LYS A 71 -12.70 -11.57 -0.38
CA LYS A 71 -11.89 -12.34 0.57
C LYS A 71 -12.06 -11.85 2.01
N ARG A 72 -12.01 -10.54 2.18
CA ARG A 72 -12.12 -9.93 3.50
C ARG A 72 -13.55 -10.16 4.06
N ALA A 73 -14.57 -10.07 3.20
CA ALA A 73 -15.93 -10.28 3.65
C ALA A 73 -16.17 -11.72 4.11
N TYR A 74 -15.69 -12.68 3.31
CA TYR A 74 -15.78 -14.12 3.61
C TYR A 74 -15.09 -14.46 4.91
N ARG A 75 -13.86 -14.01 5.01
CA ARG A 75 -13.06 -14.22 6.20
C ARG A 75 -13.73 -13.64 7.46
N GLU A 76 -14.21 -12.39 7.39
CA GLU A 76 -14.89 -11.74 8.54
C GLU A 76 -16.19 -12.50 8.92
N LEU A 77 -16.89 -12.99 7.92
CA LEU A 77 -18.06 -13.79 8.17
C LEU A 77 -17.74 -15.13 8.86
N VAL A 78 -16.79 -15.89 8.33
CA VAL A 78 -16.43 -17.20 8.93
C VAL A 78 -15.88 -17.03 10.35
N LEU A 79 -14.97 -16.10 10.50
CA LEU A 79 -14.38 -15.90 11.81
C LEU A 79 -15.37 -15.39 12.83
N MET A 80 -16.17 -14.38 12.50
CA MET A 80 -17.13 -13.83 13.48
C MET A 80 -18.11 -14.89 13.98
N LYS A 81 -18.52 -15.78 13.09
CA LYS A 81 -19.36 -16.94 13.43
C LYS A 81 -18.62 -17.94 14.30
N CYS A 82 -17.37 -18.26 13.94
CA CYS A 82 -16.55 -19.29 14.60
CA CYS A 82 -16.64 -19.31 14.63
C CYS A 82 -16.12 -18.86 16.01
N VAL A 83 -15.72 -17.62 16.14
CA VAL A 83 -15.22 -17.13 17.42
C VAL A 83 -16.38 -16.89 18.39
N ASN A 84 -16.22 -17.33 19.65
CA ASN A 84 -17.18 -17.05 20.71
C ASN A 84 -16.46 -16.60 22.02
N HIS A 85 -16.23 -15.30 22.14
CA HIS A 85 -15.46 -14.74 23.26
C HIS A 85 -16.04 -13.40 23.63
N LYS A 86 -16.11 -13.11 24.95
CA LYS A 86 -16.74 -11.86 25.40
C LYS A 86 -16.10 -10.56 24.93
N ASN A 87 -14.83 -10.58 24.56
CA ASN A 87 -14.14 -9.40 24.07
C ASN A 87 -13.97 -9.33 22.52
N ILE A 88 -14.69 -10.17 21.79
CA ILE A 88 -14.72 -10.16 20.33
C ILE A 88 -16.21 -10.04 19.93
N ILE A 89 -16.55 -9.11 19.03
CA ILE A 89 -17.94 -8.86 18.64
C ILE A 89 -18.59 -10.13 18.11
N SER A 90 -19.79 -10.42 18.52
CA SER A 90 -20.49 -11.64 18.06
C SER A 90 -21.47 -11.31 16.93
N LEU A 91 -21.62 -12.26 16.02
CA LEU A 91 -22.65 -12.24 15.00
C LEU A 91 -23.94 -12.84 15.56
N LEU A 92 -25.00 -12.02 15.63
CA LEU A 92 -26.34 -12.48 16.00
C LEU A 92 -27.08 -13.02 14.81
N ASN A 93 -26.94 -12.39 13.67
CA ASN A 93 -27.64 -12.82 12.46
C ASN A 93 -26.91 -12.33 11.24
N VAL A 94 -27.11 -13.02 10.11
CA VAL A 94 -26.66 -12.56 8.84
C VAL A 94 -27.70 -12.88 7.80
N PHE A 95 -27.90 -11.96 6.85
CA PHE A 95 -28.96 -12.15 5.86
C PHE A 95 -28.68 -11.38 4.59
N THR A 96 -29.33 -11.82 3.52
CA THR A 96 -29.39 -11.10 2.27
C THR A 96 -30.87 -10.92 1.83
N PRO A 97 -31.23 -9.74 1.27
CA PRO A 97 -32.60 -9.64 0.78
C PRO A 97 -32.82 -10.35 -0.56
N GLN A 98 -31.75 -10.65 -1.30
CA GLN A 98 -31.89 -11.30 -2.62
C GLN A 98 -32.14 -12.79 -2.45
N LYS A 99 -32.89 -13.37 -3.38
CA LYS A 99 -33.42 -14.74 -3.21
C LYS A 99 -32.62 -15.83 -3.91
N THR A 100 -31.76 -15.45 -4.86
CA THR A 100 -30.92 -16.43 -5.59
C THR A 100 -29.46 -16.02 -5.62
N LEU A 101 -28.60 -17.00 -5.91
CA LEU A 101 -27.19 -16.76 -6.14
C LEU A 101 -26.97 -15.76 -7.27
N GLU A 102 -27.74 -15.88 -8.35
CA GLU A 102 -27.60 -14.96 -9.52
C GLU A 102 -27.90 -13.51 -9.19
N GLU A 103 -28.92 -13.28 -8.36
CA GLU A 103 -29.31 -11.93 -7.97
C GLU A 103 -28.52 -11.40 -6.74
N PHE A 104 -27.76 -12.27 -6.06
CA PHE A 104 -27.13 -11.95 -4.77
C PHE A 104 -26.18 -10.76 -4.86
N GLN A 105 -26.41 -9.73 -4.04
CA GLN A 105 -25.57 -8.54 -4.07
C GLN A 105 -25.19 -8.06 -2.67
N ASP A 106 -26.13 -8.06 -1.72
CA ASP A 106 -25.92 -7.43 -0.40
C ASP A 106 -25.85 -8.41 0.75
N VAL A 107 -25.00 -8.10 1.71
CA VAL A 107 -24.86 -8.90 2.90
C VAL A 107 -25.02 -7.96 4.13
N TYR A 108 -25.82 -8.39 5.07
CA TYR A 108 -26.08 -7.63 6.27
C TYR A 108 -25.64 -8.47 7.45
N LEU A 109 -24.84 -7.89 8.33
CA LEU A 109 -24.35 -8.55 9.50
C LEU A 109 -25.05 -7.85 10.66
N VAL A 110 -25.59 -8.63 11.58
CA VAL A 110 -26.27 -8.11 12.75
C VAL A 110 -25.43 -8.50 13.97
N MET A 111 -25.02 -7.48 14.73
CA MET A 111 -24.20 -7.63 15.91
C MET A 111 -24.87 -7.10 17.15
N GLU A 112 -24.36 -7.54 18.28
CA GLU A 112 -24.60 -6.86 19.53
C GLU A 112 -24.35 -5.37 19.34
N LEU A 113 -25.17 -4.53 19.95
CA LEU A 113 -24.99 -3.10 19.84
C LEU A 113 -24.18 -2.56 21.01
N MET A 114 -23.07 -1.92 20.69
CA MET A 114 -22.23 -1.28 21.69
C MET A 114 -22.50 0.17 21.65
N ASP A 115 -21.97 0.92 22.64
CA ASP A 115 -22.31 2.33 22.80
C ASP A 115 -21.41 3.33 22.12
N ALA A 116 -20.13 2.97 21.90
CA ALA A 116 -19.13 3.92 21.42
C ALA A 116 -17.94 3.17 20.88
N ASN A 117 -17.14 3.80 20.05
CA ASN A 117 -15.84 3.21 19.71
C ASN A 117 -14.77 3.78 20.63
N LEU A 118 -13.60 3.17 20.60
CA LEU A 118 -12.56 3.58 21.54
C LEU A 118 -12.09 5.02 21.32
N CYS A 119 -12.17 5.53 20.09
CA CYS A 119 -11.82 6.97 19.77
C CYS A 119 -12.52 7.95 20.67
N GLN A 120 -13.80 7.69 20.91
CA GLN A 120 -14.59 8.49 21.82
CA GLN A 120 -14.59 8.51 21.85
C GLN A 120 -14.12 8.30 23.30
N VAL A 121 -13.99 7.06 23.72
CA VAL A 121 -13.58 6.76 25.11
C VAL A 121 -12.20 7.31 25.44
N ILE A 122 -11.28 7.21 24.48
CA ILE A 122 -9.92 7.73 24.60
C ILE A 122 -9.82 9.20 24.98
N GLN A 123 -10.84 9.96 24.63
CA GLN A 123 -10.89 11.40 24.92
C GLN A 123 -11.22 11.74 26.36
N MET A 124 -11.73 10.77 27.14
CA MET A 124 -12.13 10.99 28.51
C MET A 124 -10.91 11.11 29.41
N GLU A 125 -11.04 11.85 30.50
CA GLU A 125 -10.03 11.79 31.54
C GLU A 125 -10.25 10.39 32.18
N LEU A 126 -9.56 9.40 31.72
CA LEU A 126 -9.74 8.04 32.21
C LEU A 126 -8.97 7.84 33.51
N ASP A 127 -9.65 7.32 34.50
CA ASP A 127 -8.98 6.89 35.69
CA ASP A 127 -9.03 6.85 35.71
C ASP A 127 -8.31 5.53 35.46
N HIS A 128 -7.53 5.13 36.40
CA HIS A 128 -6.75 3.93 36.28
C HIS A 128 -7.61 2.70 36.27
N GLU A 129 -8.75 2.69 36.99
CA GLU A 129 -9.66 1.54 36.98
C GLU A 129 -10.20 1.27 35.58
N ARG A 130 -10.75 2.30 34.96
CA ARG A 130 -11.21 2.20 33.59
C ARG A 130 -10.11 1.83 32.59
N MET A 131 -8.99 2.55 32.64
CA MET A 131 -7.94 2.31 31.65
C MET A 131 -7.34 0.88 31.75
N SER A 132 -7.02 0.45 32.97
CA SER A 132 -6.52 -0.90 33.17
C SER A 132 -7.54 -1.97 32.75
N TYR A 133 -8.82 -1.67 32.99
CA TYR A 133 -9.87 -2.61 32.66
C TYR A 133 -10.02 -2.73 31.14
N LEU A 134 -10.05 -1.59 30.47
CA LEU A 134 -10.08 -1.57 29.00
C LEU A 134 -8.87 -2.31 28.36
N LEU A 135 -7.68 -2.01 28.88
CA LEU A 135 -6.47 -2.72 28.41
C LEU A 135 -6.51 -4.22 28.67
N TYR A 136 -7.01 -4.60 29.87
CA TYR A 136 -7.14 -5.98 30.23
C TYR A 136 -8.02 -6.71 29.21
N GLN A 137 -9.13 -6.09 28.87
CA GLN A 137 -10.07 -6.70 27.94
C GLN A 137 -9.55 -6.81 26.53
N MET A 138 -8.88 -5.78 26.06
CA MET A 138 -8.17 -5.86 24.76
C MET A 138 -7.14 -7.01 24.73
N LEU A 139 -6.37 -7.11 25.79
CA LEU A 139 -5.42 -8.24 25.92
C LEU A 139 -6.09 -9.61 25.93
N CYS A 140 -7.25 -9.76 26.61
CA CYS A 140 -7.97 -11.00 26.57
C CYS A 140 -8.41 -11.35 25.19
N GLY A 141 -8.99 -10.37 24.49
CA GLY A 141 -9.45 -10.57 23.11
C GLY A 141 -8.29 -10.93 22.18
N ILE A 142 -7.22 -10.17 22.27
CA ILE A 142 -6.01 -10.50 21.48
C ILE A 142 -5.40 -11.91 21.78
N LYS A 143 -5.43 -12.33 23.06
CA LYS A 143 -4.86 -13.61 23.42
C LYS A 143 -5.68 -14.70 22.73
N HIS A 144 -6.99 -14.49 22.71
CA HIS A 144 -7.93 -15.45 22.17
C HIS A 144 -7.73 -15.58 20.69
N LEU A 145 -7.69 -14.46 20.00
CA LEU A 145 -7.40 -14.43 18.56
C LEU A 145 -6.06 -15.07 18.22
N HIS A 146 -5.02 -14.67 18.95
CA HIS A 146 -3.69 -15.33 18.75
C HIS A 146 -3.71 -16.85 18.87
N SER A 147 -4.48 -17.38 19.81
CA SER A 147 -4.46 -18.84 20.09
C SER A 147 -5.01 -19.63 18.88
N ALA A 148 -5.77 -18.95 18.04
CA ALA A 148 -6.32 -19.50 16.77
C ALA A 148 -5.52 -19.13 15.53
N GLY A 149 -4.37 -18.51 15.73
CA GLY A 149 -3.51 -18.10 14.67
C GLY A 149 -3.96 -16.82 13.99
N ILE A 150 -4.83 -16.04 14.62
CA ILE A 150 -5.25 -14.78 14.09
C ILE A 150 -4.40 -13.68 14.69
N ILE A 151 -3.54 -13.07 13.88
CA ILE A 151 -2.66 -11.99 14.35
C ILE A 151 -3.13 -10.78 13.56
N HIS A 152 -3.55 -9.76 14.29
CA HIS A 152 -4.41 -8.74 13.71
C HIS A 152 -3.64 -7.80 12.81
N ARG A 153 -2.59 -7.18 13.36
CA ARG A 153 -1.70 -6.24 12.69
C ARG A 153 -2.26 -4.86 12.39
N ASP A 154 -3.56 -4.66 12.46
CA ASP A 154 -4.10 -3.29 12.35
C ASP A 154 -5.18 -2.97 13.38
N LEU A 155 -4.97 -3.41 14.62
CA LEU A 155 -5.73 -2.90 15.75
C LEU A 155 -5.60 -1.39 15.88
N LYS A 156 -6.74 -0.74 16.05
CA LYS A 156 -6.81 0.71 16.21
C LYS A 156 -8.13 1.06 16.91
N PRO A 157 -8.20 2.24 17.53
CA PRO A 157 -9.36 2.63 18.29
C PRO A 157 -10.71 2.55 17.60
N SER A 158 -10.75 2.82 16.33
CA SER A 158 -12.01 2.80 15.58
C SER A 158 -12.56 1.38 15.41
N ASN A 159 -11.72 0.34 15.56
CA ASN A 159 -12.25 -1.03 15.43
C ASN A 159 -12.35 -1.75 16.77
N ILE A 160 -12.40 -0.96 17.85
CA ILE A 160 -12.68 -1.46 19.12
C ILE A 160 -13.89 -0.67 19.68
N VAL A 161 -14.86 -1.38 20.23
CA VAL A 161 -16.09 -0.73 20.73
C VAL A 161 -16.30 -1.02 22.22
N VAL A 162 -17.04 -0.15 22.87
CA VAL A 162 -17.21 -0.16 24.28
C VAL A 162 -18.70 0.06 24.65
N LYS A 163 -19.17 -0.57 25.74
CA LYS A 163 -20.48 -0.20 26.35
C LYS A 163 -20.20 0.80 27.45
N SER A 164 -21.25 1.46 27.94
CA SER A 164 -21.09 2.49 28.99
C SER A 164 -20.65 1.89 30.32
N ASP A 165 -20.82 0.58 30.50
CA ASP A 165 -20.19 -0.12 31.65
C ASP A 165 -18.69 -0.50 31.42
N CYS A 166 -18.08 0.04 30.37
CA CYS A 166 -16.68 -0.24 29.98
C CYS A 166 -16.40 -1.63 29.50
N THR A 167 -17.42 -2.45 29.25
CA THR A 167 -17.18 -3.71 28.55
C THR A 167 -16.74 -3.42 27.11
N LEU A 168 -15.78 -4.20 26.62
CA LEU A 168 -15.04 -3.86 25.41
C LEU A 168 -15.12 -5.06 24.45
N LYS A 169 -15.31 -4.78 23.20
CA LYS A 169 -15.17 -5.81 22.15
C LYS A 169 -14.37 -5.33 20.97
N ILE A 170 -13.50 -6.20 20.46
CA ILE A 170 -12.80 -5.95 19.24
C ILE A 170 -13.77 -6.27 18.06
N LEU A 171 -13.78 -5.43 17.03
CA LEU A 171 -14.77 -5.53 15.94
C LEU A 171 -14.35 -6.38 14.76
N ASP A 172 -13.07 -6.54 14.51
CA ASP A 172 -12.61 -7.30 13.34
C ASP A 172 -11.30 -8.05 13.61
N PHE A 173 -10.74 -8.67 12.56
CA PHE A 173 -9.68 -9.65 12.69
C PHE A 173 -8.38 -9.28 11.97
N GLY A 174 -8.27 -8.06 11.45
CA GLY A 174 -7.14 -7.68 10.61
C GLY A 174 -7.11 -8.48 9.33
N LEU A 175 -5.99 -8.51 8.63
CA LEU A 175 -6.01 -9.19 7.29
C LEU A 175 -5.47 -10.62 7.37
N ALA A 176 -5.62 -11.35 6.26
CA ALA A 176 -5.05 -12.70 6.13
C ALA A 176 -3.52 -12.67 6.30
N ARG A 177 -2.95 -13.78 6.80
CA ARG A 177 -1.49 -13.95 6.90
C ARG A 177 -0.79 -13.62 5.55
N THR A 178 -1.36 -14.11 4.47
CA THR A 178 -0.83 -13.88 3.13
C THR A 178 -0.63 -12.38 2.77
N ALA A 179 -1.41 -11.47 3.36
CA ALA A 179 -1.18 -9.99 3.20
C ALA A 179 0.10 -9.46 3.92
N GLY A 180 0.69 -10.28 4.80
CA GLY A 180 1.92 -9.92 5.51
C GLY A 180 1.77 -8.60 6.23
N THR A 181 2.66 -7.67 5.91
CA THR A 181 2.63 -6.35 6.54
C THR A 181 2.09 -5.25 5.60
N SER A 182 1.38 -5.67 4.53
CA SER A 182 0.84 -4.74 3.51
C SER A 182 -0.65 -4.42 3.73
N PHE A 183 -1.06 -3.19 3.33
CA PHE A 183 -2.46 -2.72 3.47
C PHE A 183 -3.04 -2.08 2.19
N MET A 184 -2.74 -2.70 1.03
CA MET A 184 -3.17 -2.17 -0.29
C MET A 184 -4.67 -1.90 -0.34
N VAL A 190 -6.54 4.48 5.83
CA VAL A 190 -6.54 5.87 6.26
C VAL A 190 -5.69 6.12 7.51
N THR A 191 -5.82 5.24 8.51
CA THR A 191 -5.21 5.44 9.84
C THR A 191 -4.09 4.38 10.09
N ARG A 192 -2.83 4.84 10.01
CA ARG A 192 -1.66 3.94 10.03
CA ARG A 192 -1.62 4.02 9.98
C ARG A 192 -0.85 4.08 11.32
N TYR A 193 -1.33 4.91 12.23
CA TYR A 193 -0.54 5.33 13.39
C TYR A 193 -0.30 4.28 14.45
N TYR A 194 -0.96 3.14 14.35
CA TYR A 194 -0.93 2.12 15.37
C TYR A 194 -0.13 0.87 14.88
N ARG A 195 0.38 0.93 13.66
CA ARG A 195 1.14 -0.22 13.10
C ARG A 195 2.56 -0.29 13.63
N ALA A 196 2.98 -1.50 13.94
CA ALA A 196 4.30 -1.74 14.55
C ALA A 196 5.47 -1.43 13.57
N PRO A 197 6.63 -1.04 14.11
CA PRO A 197 7.83 -0.90 13.26
C PRO A 197 8.12 -2.07 12.33
N GLU A 198 8.03 -3.27 12.83
CA GLU A 198 8.26 -4.43 11.98
C GLU A 198 7.29 -4.51 10.80
N VAL A 199 6.09 -3.96 10.97
CA VAL A 199 5.07 -3.88 9.89
C VAL A 199 5.41 -2.79 8.89
N ILE A 200 5.64 -1.59 9.40
CA ILE A 200 5.98 -0.43 8.61
C ILE A 200 7.22 -0.66 7.74
N LEU A 201 8.23 -1.33 8.31
CA LEU A 201 9.55 -1.50 7.67
C LEU A 201 9.66 -2.81 6.92
N GLY A 202 8.64 -3.64 7.00
CA GLY A 202 8.59 -4.90 6.24
C GLY A 202 9.49 -6.02 6.72
N MET A 203 9.61 -6.17 8.03
CA MET A 203 10.53 -7.13 8.60
C MET A 203 9.87 -8.46 8.88
N GLY A 204 8.54 -8.51 8.78
CA GLY A 204 7.78 -9.67 9.25
C GLY A 204 7.19 -9.35 10.62
N TYR A 205 6.59 -10.36 11.23
CA TYR A 205 5.87 -10.14 12.46
C TYR A 205 5.66 -11.43 13.21
N LYS A 206 5.53 -11.30 14.52
CA LYS A 206 5.06 -12.38 15.36
C LYS A 206 3.88 -11.87 16.21
N GLU A 207 3.40 -12.70 17.11
CA GLU A 207 2.20 -12.42 17.90
C GLU A 207 2.28 -11.05 18.57
N ASN A 208 3.44 -10.67 19.07
CA ASN A 208 3.59 -9.38 19.81
C ASN A 208 3.59 -8.14 18.95
N VAL A 209 3.40 -8.32 17.64
CA VAL A 209 3.10 -7.21 16.78
C VAL A 209 1.87 -6.43 17.28
N ASP A 210 0.87 -7.14 17.82
CA ASP A 210 -0.33 -6.47 18.30
C ASP A 210 -0.10 -5.70 19.62
N ILE A 211 0.97 -6.04 20.32
CA ILE A 211 1.31 -5.33 21.59
C ILE A 211 1.73 -3.92 21.31
N TRP A 212 2.42 -3.70 20.20
CA TRP A 212 2.78 -2.34 19.85
C TRP A 212 1.52 -1.46 19.66
N SER A 213 0.53 -1.97 18.93
CA SER A 213 -0.75 -1.26 18.76
C SER A 213 -1.44 -0.96 20.14
N VAL A 214 -1.46 -1.95 21.04
CA VAL A 214 -2.04 -1.73 22.39
C VAL A 214 -1.25 -0.61 23.10
N GLY A 215 0.06 -0.62 22.92
CA GLY A 215 0.92 0.47 23.49
C GLY A 215 0.58 1.85 22.97
N CYS A 216 0.36 1.94 21.66
CA CYS A 216 -0.04 3.19 21.00
C CYS A 216 -1.41 3.74 21.51
N ILE A 217 -2.35 2.84 21.69
CA ILE A 217 -3.67 3.19 22.24
C ILE A 217 -3.53 3.62 23.68
N MET A 218 -2.79 2.84 24.46
CA MET A 218 -2.55 3.19 25.86
C MET A 218 -1.86 4.56 25.98
N GLY A 219 -0.83 4.78 25.18
CA GLY A 219 -0.14 6.04 25.16
C GLY A 219 -1.03 7.20 24.78
N GLU A 220 -1.92 6.97 23.82
CA GLU A 220 -2.93 7.96 23.46
C GLU A 220 -3.98 8.20 24.58
N MET A 221 -4.36 7.14 25.36
CA MET A 221 -5.29 7.37 26.49
C MET A 221 -4.69 8.33 27.52
N VAL A 222 -3.39 8.31 27.64
CA VAL A 222 -2.66 9.12 28.60
C VAL A 222 -2.45 10.52 28.13
N ARG A 223 -1.96 10.64 26.89
CA ARG A 223 -1.59 11.95 26.32
CA ARG A 223 -1.62 11.94 26.29
C ARG A 223 -2.77 12.68 25.66
N HIS A 224 -3.81 11.95 25.25
CA HIS A 224 -4.85 12.50 24.41
C HIS A 224 -4.34 13.12 23.14
N LYS A 225 -3.29 12.54 22.62
CA LYS A 225 -2.69 12.94 21.35
C LYS A 225 -2.29 11.63 20.71
N ILE A 226 -2.37 11.55 19.40
CA ILE A 226 -1.83 10.38 18.69
C ILE A 226 -0.31 10.30 18.92
N LEU A 227 0.21 9.13 19.30
CA LEU A 227 1.61 9.03 19.69
C LEU A 227 2.55 9.25 18.48
N PHE A 228 2.28 8.52 17.38
CA PHE A 228 3.11 8.55 16.20
C PHE A 228 2.28 9.00 14.96
N PRO A 229 1.89 10.28 14.92
CA PRO A 229 1.09 10.76 13.81
C PRO A 229 1.98 11.04 12.61
N GLY A 230 1.37 11.43 11.53
CA GLY A 230 2.13 11.86 10.34
C GLY A 230 1.44 11.50 9.06
N ARG A 231 1.82 12.23 8.01
CA ARG A 231 1.13 12.18 6.72
C ARG A 231 1.37 10.84 6.04
N ASP A 232 2.50 10.21 6.36
CA ASP A 232 2.90 8.94 5.75
C ASP A 232 3.85 8.19 6.65
N TYR A 233 4.25 7.00 6.25
CA TYR A 233 5.20 6.19 7.04
C TYR A 233 6.53 6.89 7.35
N ILE A 234 7.00 7.71 6.40
CA ILE A 234 8.27 8.44 6.55
C ILE A 234 8.17 9.39 7.73
N ASP A 235 7.12 10.17 7.74
CA ASP A 235 6.88 11.08 8.86
CA ASP A 235 6.78 11.09 8.82
C ASP A 235 6.63 10.32 10.17
N GLN A 236 5.96 9.17 10.10
CA GLN A 236 5.63 8.37 11.27
C GLN A 236 6.90 7.79 11.88
N TRP A 237 7.80 7.30 11.02
CA TRP A 237 9.06 6.78 11.50
C TRP A 237 9.89 7.85 12.23
N ASN A 238 9.90 9.08 11.71
CA ASN A 238 10.58 10.18 12.41
C ASN A 238 10.02 10.37 13.81
N LYS A 239 8.69 10.35 13.93
CA LYS A 239 8.02 10.49 15.24
C LYS A 239 8.40 9.34 16.23
N VAL A 240 8.51 8.13 15.72
CA VAL A 240 8.99 6.97 16.49
C VAL A 240 10.41 7.18 17.01
N ILE A 241 11.35 7.55 16.11
CA ILE A 241 12.78 7.62 16.54
C ILE A 241 13.04 8.86 17.40
N GLU A 242 12.31 9.92 17.15
CA GLU A 242 12.43 11.14 17.94
C GLU A 242 11.99 10.85 19.41
N GLN A 243 11.03 9.96 19.57
CA GLN A 243 10.44 9.72 20.90
C GLN A 243 11.10 8.57 21.57
N LEU A 244 11.28 7.46 20.84
CA LEU A 244 11.81 6.28 21.46
C LEU A 244 13.30 6.08 21.34
N GLY A 245 13.95 6.80 20.44
CA GLY A 245 15.34 6.63 20.18
C GLY A 245 15.60 5.82 18.92
N THR A 246 16.75 6.09 18.31
CA THR A 246 17.30 5.23 17.24
C THR A 246 17.44 3.79 17.67
N PRO A 247 16.91 2.82 16.85
CA PRO A 247 17.05 1.43 17.22
C PRO A 247 18.51 0.93 17.30
N CYS A 248 18.71 -0.21 17.94
CA CYS A 248 20.03 -0.79 18.05
C CYS A 248 20.57 -1.33 16.70
N PRO A 249 21.88 -1.66 16.69
CA PRO A 249 22.55 -2.54 15.72
C PRO A 249 21.87 -3.90 15.57
N GLU A 250 21.44 -4.49 16.69
CA GLU A 250 20.63 -5.72 16.71
C GLU A 250 19.40 -5.69 15.76
N PHE A 251 18.98 -4.49 15.32
CA PHE A 251 17.73 -4.30 14.60
C PHE A 251 17.90 -3.73 13.19
N MET A 252 18.67 -2.63 13.03
CA MET A 252 18.75 -1.90 11.75
C MET A 252 19.43 -2.75 10.67
N LYS A 253 20.38 -3.56 11.12
CA LYS A 253 20.88 -4.78 10.48
C LYS A 253 19.96 -5.36 9.39
N LYS A 254 18.73 -5.63 9.80
CA LYS A 254 17.81 -6.51 9.06
C LYS A 254 16.99 -5.81 7.98
N LEU A 255 17.08 -4.50 7.89
CA LEU A 255 16.25 -3.76 6.95
C LEU A 255 16.68 -3.99 5.47
N GLN A 256 15.71 -3.86 4.57
CA GLN A 256 16.01 -3.95 3.13
C GLN A 256 16.92 -2.81 2.69
N PRO A 257 17.76 -3.06 1.64
CA PRO A 257 18.65 -2.11 1.03
C PRO A 257 18.23 -0.66 1.13
N THR A 258 17.19 -0.21 0.39
CA THR A 258 16.85 1.22 0.39
C THR A 258 16.43 1.72 1.81
N VAL A 259 15.78 0.82 2.57
CA VAL A 259 15.19 1.09 3.90
C VAL A 259 16.27 1.24 4.97
N ARG A 260 17.10 0.19 5.11
CA ARG A 260 18.28 0.19 5.99
C ARG A 260 19.07 1.47 5.86
N ASN A 261 19.35 1.82 4.61
CA ASN A 261 20.17 2.99 4.28
CA ASN A 261 20.16 2.98 4.28
C ASN A 261 19.49 4.25 4.74
N TYR A 262 18.17 4.37 4.48
CA TYR A 262 17.42 5.53 4.91
C TYR A 262 17.40 5.61 6.48
N VAL A 263 17.21 4.45 7.10
CA VAL A 263 17.01 4.34 8.55
C VAL A 263 18.31 4.58 9.30
N GLU A 264 19.39 3.94 8.81
CA GLU A 264 20.75 4.21 9.34
C GLU A 264 21.22 5.64 9.13
N ASN A 265 20.71 6.31 8.10
CA ASN A 265 21.14 7.66 7.78
C ASN A 265 20.30 8.77 8.35
N ARG A 266 19.17 8.44 8.99
CA ARG A 266 18.40 9.46 9.68
C ARG A 266 19.25 10.07 10.81
N PRO A 267 18.87 11.27 11.28
CA PRO A 267 19.57 11.80 12.45
C PRO A 267 19.46 10.87 13.68
N LYS A 268 20.50 10.84 14.50
CA LYS A 268 20.51 9.96 15.66
C LYS A 268 19.79 10.60 16.83
N TYR A 269 19.02 9.78 17.56
CA TYR A 269 18.22 10.24 18.72
C TYR A 269 18.41 9.30 19.88
N ALA A 270 18.71 9.85 21.07
CA ALA A 270 18.77 9.05 22.30
C ALA A 270 17.40 8.46 22.67
N GLY A 271 16.33 9.18 22.33
CA GLY A 271 15.00 8.87 22.80
C GLY A 271 14.72 9.77 24.00
N LEU A 272 13.45 9.99 24.28
CA LEU A 272 13.06 10.51 25.56
C LEU A 272 12.88 9.33 26.50
N THR A 273 13.11 9.55 27.77
CA THR A 273 12.81 8.51 28.77
C THR A 273 11.31 8.41 28.88
N PHE A 274 10.84 7.27 29.38
CA PHE A 274 9.40 7.14 29.56
C PHE A 274 8.83 8.13 30.55
N PRO A 275 9.59 8.49 31.58
CA PRO A 275 9.14 9.65 32.40
C PRO A 275 8.94 10.94 31.64
N LYS A 276 9.74 11.20 30.62
CA LYS A 276 9.59 12.45 29.86
C LYS A 276 8.51 12.35 28.81
N LEU A 277 8.38 11.16 28.19
CA LEU A 277 7.29 10.89 27.25
C LEU A 277 5.89 10.91 27.87
N PHE A 278 5.77 10.34 29.07
CA PHE A 278 4.52 10.28 29.82
C PHE A 278 4.73 10.83 31.24
N PRO A 279 4.86 12.15 31.36
CA PRO A 279 5.17 12.70 32.71
C PRO A 279 4.06 12.54 33.74
N ASP A 280 4.45 12.65 35.02
CA ASP A 280 3.48 12.62 36.11
C ASP A 280 2.29 13.57 35.88
N SER A 281 2.56 14.69 35.24
CA SER A 281 1.56 15.68 34.86
C SER A 281 0.35 15.14 34.10
N LEU A 282 0.53 14.05 33.35
CA LEU A 282 -0.60 13.41 32.62
C LEU A 282 -1.50 12.46 33.45
N PHE A 283 -1.07 12.12 34.65
CA PHE A 283 -1.70 11.12 35.48
C PHE A 283 -2.39 11.77 36.66
N PRO A 284 -3.51 11.18 37.10
CA PRO A 284 -4.13 11.57 38.38
C PRO A 284 -3.12 11.70 39.51
N ALA A 285 -3.23 12.79 40.28
CA ALA A 285 -2.20 13.15 41.26
C ALA A 285 -2.68 13.13 42.74
N ASP A 286 -3.95 12.84 42.97
CA ASP A 286 -4.63 12.94 44.32
C ASP A 286 -3.87 12.31 45.50
N SER A 287 -3.39 11.08 45.29
CA SER A 287 -3.22 10.09 46.36
C SER A 287 -2.00 9.21 46.16
N GLU A 288 -1.67 8.45 47.19
CA GLU A 288 -0.62 7.46 47.10
C GLU A 288 -0.99 6.34 46.08
N HIS A 289 -2.27 5.98 46.04
CA HIS A 289 -2.73 5.00 45.07
C HIS A 289 -2.43 5.50 43.67
N ASN A 290 -2.67 6.80 43.45
CA ASN A 290 -2.44 7.41 42.16
C ASN A 290 -0.99 7.46 41.78
N LYS A 291 -0.10 7.76 42.71
CA LYS A 291 1.32 7.74 42.41
C LYS A 291 1.81 6.32 42.08
N LEU A 292 1.34 5.35 42.83
CA LEU A 292 1.68 3.97 42.55
C LEU A 292 1.24 3.66 41.11
N LYS A 293 0.03 4.06 40.75
CA LYS A 293 -0.54 3.62 39.44
C LYS A 293 0.11 4.34 38.28
N ALA A 294 0.60 5.58 38.48
CA ALA A 294 1.33 6.27 37.42
C ALA A 294 2.63 5.53 37.03
N SER A 295 3.41 5.12 38.03
CA SER A 295 4.64 4.40 37.71
C SER A 295 4.37 3.01 37.16
N GLN A 296 3.30 2.37 37.59
CA GLN A 296 2.98 1.04 37.02
CA GLN A 296 2.92 1.04 37.04
C GLN A 296 2.54 1.19 35.57
N ALA A 297 1.73 2.23 35.28
CA ALA A 297 1.28 2.51 33.89
C ALA A 297 2.44 2.81 32.95
N ARG A 298 3.33 3.70 33.41
CA ARG A 298 4.57 4.00 32.74
C ARG A 298 5.42 2.77 32.46
N ASP A 299 5.57 1.90 33.48
CA ASP A 299 6.40 0.72 33.36
C ASP A 299 5.78 -0.19 32.25
N LEU A 300 4.48 -0.32 32.23
CA LEU A 300 3.86 -1.21 31.18
C LEU A 300 4.08 -0.58 29.80
N LEU A 301 3.89 0.74 29.70
CA LEU A 301 4.12 1.44 28.46
C LEU A 301 5.53 1.21 27.97
N SER A 302 6.51 1.31 28.89
CA SER A 302 7.96 1.09 28.56
C SER A 302 8.30 -0.30 28.02
N LYS A 303 7.45 -1.27 28.33
CA LYS A 303 7.61 -2.65 27.80
CA LYS A 303 7.59 -2.65 27.85
C LYS A 303 6.80 -2.94 26.55
N MET A 304 5.72 -2.17 26.28
CA MET A 304 4.95 -2.36 25.02
C MET A 304 5.53 -1.53 23.87
N LEU A 305 5.95 -0.31 24.20
CA LEU A 305 6.43 0.58 23.15
C LEU A 305 7.93 0.40 22.97
N VAL A 306 8.26 -0.74 22.36
CA VAL A 306 9.62 -1.17 22.20
C VAL A 306 9.73 -1.51 20.70
N ILE A 307 10.65 -0.81 20.01
CA ILE A 307 10.74 -0.90 18.55
C ILE A 307 11.04 -2.32 18.12
N ASP A 308 12.01 -2.95 18.79
CA ASP A 308 12.42 -4.28 18.43
C ASP A 308 11.44 -5.29 19.02
N PRO A 309 10.76 -6.11 18.17
CA PRO A 309 9.81 -7.06 18.73
C PRO A 309 10.44 -8.15 19.57
N ALA A 310 11.75 -8.43 19.39
CA ALA A 310 12.45 -9.39 20.19
C ALA A 310 12.61 -8.93 21.64
N LYS A 311 12.55 -7.62 21.87
CA LYS A 311 12.63 -7.03 23.24
C LYS A 311 11.26 -6.56 23.81
N ARG A 312 10.20 -6.78 23.06
CA ARG A 312 8.85 -6.28 23.42
C ARG A 312 8.08 -7.32 24.24
N ILE A 313 7.38 -6.87 25.27
CA ILE A 313 6.57 -7.77 26.11
C ILE A 313 5.50 -8.54 25.27
N SER A 314 5.22 -9.76 25.70
CA SER A 314 4.22 -10.60 25.10
C SER A 314 2.84 -10.26 25.69
N VAL A 315 1.80 -10.77 25.04
CA VAL A 315 0.42 -10.61 25.53
C VAL A 315 0.28 -11.33 26.89
N ASP A 316 0.82 -12.55 26.99
CA ASP A 316 0.69 -13.33 28.24
C ASP A 316 1.36 -12.64 29.38
N ASP A 317 2.48 -12.04 29.11
CA ASP A 317 3.23 -11.29 30.17
C ASP A 317 2.62 -9.98 30.52
N ALA A 318 1.99 -9.31 29.56
CA ALA A 318 1.28 -8.08 29.83
C ALA A 318 0.08 -8.35 30.71
N LEU A 319 -0.61 -9.47 30.52
CA LEU A 319 -1.66 -9.91 31.45
C LEU A 319 -1.18 -10.18 32.90
N GLN A 320 0.11 -10.49 33.07
CA GLN A 320 0.71 -10.70 34.39
C GLN A 320 1.23 -9.42 34.97
N HIS A 321 1.36 -8.39 34.18
CA HIS A 321 1.83 -7.08 34.69
C HIS A 321 0.95 -6.54 35.82
N PRO A 322 1.57 -5.96 36.90
CA PRO A 322 0.73 -5.47 38.02
C PRO A 322 -0.36 -4.48 37.62
N TYR A 323 -0.15 -3.67 36.60
CA TYR A 323 -1.17 -2.69 36.17
C TYR A 323 -2.46 -3.37 35.64
N ILE A 324 -2.26 -4.48 34.93
CA ILE A 324 -3.33 -5.26 34.31
C ILE A 324 -3.88 -6.43 35.18
N ASN A 325 -3.00 -7.09 35.92
CA ASN A 325 -3.28 -8.40 36.49
C ASN A 325 -4.33 -8.37 37.59
N VAL A 326 -4.56 -7.20 38.20
CA VAL A 326 -5.68 -7.02 39.12
C VAL A 326 -7.01 -7.58 38.58
N TRP A 327 -7.22 -7.54 37.27
CA TRP A 327 -8.49 -7.95 36.65
C TRP A 327 -8.53 -9.40 36.27
N TYR A 328 -7.39 -10.08 36.39
CA TYR A 328 -7.20 -11.37 35.75
C TYR A 328 -8.18 -12.41 36.32
N ASP A 329 -8.90 -13.08 35.42
CA ASP A 329 -9.83 -14.14 35.79
C ASP A 329 -9.61 -15.21 34.74
N PRO A 330 -9.16 -16.39 35.15
CA PRO A 330 -8.83 -17.43 34.17
C PRO A 330 -9.98 -17.88 33.32
N ALA A 331 -11.21 -17.72 33.81
CA ALA A 331 -12.41 -17.99 32.98
C ALA A 331 -12.51 -17.10 31.74
N GLU A 332 -11.95 -15.89 31.83
CA GLU A 332 -11.92 -14.94 30.73
C GLU A 332 -10.68 -15.05 29.89
N VAL A 333 -9.55 -15.33 30.55
CA VAL A 333 -8.27 -15.29 29.90
C VAL A 333 -7.96 -16.57 29.15
N GLU A 334 -8.32 -17.71 29.74
CA GLU A 334 -7.76 -18.98 29.34
C GLU A 334 -8.82 -19.86 28.69
N ALA A 335 -9.70 -19.26 27.87
CA ALA A 335 -10.82 -20.03 27.22
C ALA A 335 -10.28 -20.85 26.06
N PRO A 336 -10.99 -21.93 25.68
CA PRO A 336 -10.45 -22.80 24.63
C PRO A 336 -10.40 -22.11 23.29
N PRO A 337 -9.32 -22.32 22.53
CA PRO A 337 -9.10 -21.62 21.28
C PRO A 337 -10.09 -22.03 20.19
N PRO A 338 -10.48 -21.08 19.33
CA PRO A 338 -11.29 -21.44 18.20
C PRO A 338 -10.57 -22.47 17.32
N GLN A 339 -11.28 -23.52 16.94
CA GLN A 339 -10.86 -24.40 15.86
C GLN A 339 -11.59 -23.96 14.59
N ILE A 340 -10.83 -23.44 13.63
CA ILE A 340 -11.38 -23.03 12.33
C ILE A 340 -11.37 -24.23 11.37
N TYR A 341 -12.49 -24.47 10.67
CA TYR A 341 -12.62 -25.59 9.73
C TYR A 341 -11.69 -25.43 8.52
N ASP A 342 -11.74 -24.25 7.88
CA ASP A 342 -10.95 -23.96 6.68
CA ASP A 342 -10.95 -23.98 6.68
C ASP A 342 -9.47 -23.69 7.04
N LYS A 343 -8.63 -24.74 6.99
CA LYS A 343 -7.20 -24.61 7.25
C LYS A 343 -6.45 -23.81 6.15
N GLN A 344 -7.04 -23.71 4.95
CA GLN A 344 -6.52 -22.83 3.87
C GLN A 344 -7.14 -21.42 3.85
N LEU A 345 -8.01 -21.10 4.82
CA LEU A 345 -8.81 -19.86 4.82
C LEU A 345 -8.02 -18.64 4.34
N ASP A 346 -6.89 -18.37 4.98
CA ASP A 346 -6.08 -17.18 4.63
C ASP A 346 -5.41 -17.28 3.24
N GLU A 347 -5.17 -18.50 2.75
CA GLU A 347 -4.31 -18.69 1.57
C GLU A 347 -5.02 -18.73 0.23
N ARG A 348 -6.05 -19.56 0.10
CA ARG A 348 -6.61 -19.82 -1.23
C ARG A 348 -7.19 -18.52 -1.85
N GLU A 349 -7.00 -18.37 -3.16
CA GLU A 349 -7.56 -17.24 -3.91
C GLU A 349 -8.65 -17.81 -4.80
N HIS A 350 -9.63 -16.98 -5.12
CA HIS A 350 -10.74 -17.40 -5.97
C HIS A 350 -11.08 -16.24 -6.85
N THR A 351 -11.76 -16.51 -7.96
CA THR A 351 -12.41 -15.46 -8.75
C THR A 351 -13.48 -14.77 -7.89
N ILE A 352 -13.94 -13.62 -8.36
CA ILE A 352 -15.05 -12.92 -7.71
C ILE A 352 -16.29 -13.83 -7.66
N GLU A 353 -16.68 -14.42 -8.80
CA GLU A 353 -17.78 -15.39 -8.87
C GLU A 353 -17.70 -16.50 -7.80
N GLU A 354 -16.54 -17.09 -7.67
CA GLU A 354 -16.31 -18.17 -6.71
C GLU A 354 -16.45 -17.69 -5.26
N TRP A 355 -15.86 -16.53 -4.95
CA TRP A 355 -16.04 -15.92 -3.64
C TRP A 355 -17.51 -15.65 -3.34
N LYS A 356 -18.20 -15.08 -4.32
CA LYS A 356 -19.63 -14.79 -4.20
C LYS A 356 -20.39 -16.03 -3.76
N GLU A 357 -20.12 -17.17 -4.40
CA GLU A 357 -20.81 -18.39 -3.99
C GLU A 357 -20.43 -18.84 -2.61
N LEU A 358 -19.14 -18.81 -2.28
CA LEU A 358 -18.71 -19.15 -0.91
C LEU A 358 -19.44 -18.28 0.13
N ILE A 359 -19.57 -16.99 -0.16
CA ILE A 359 -20.22 -16.04 0.76
C ILE A 359 -21.74 -16.30 0.84
N TYR A 360 -22.37 -16.54 -0.31
CA TYR A 360 -23.79 -16.91 -0.35
C TYR A 360 -24.13 -18.09 0.54
N LYS A 361 -23.38 -19.18 0.37
CA LYS A 361 -23.54 -20.40 1.17
C LYS A 361 -23.40 -20.14 2.64
N GLU A 362 -22.41 -19.30 2.96
CA GLU A 362 -22.19 -18.88 4.32
C GLU A 362 -23.38 -18.09 4.87
N VAL A 363 -23.90 -17.14 4.06
CA VAL A 363 -25.05 -16.35 4.47
C VAL A 363 -26.29 -17.23 4.68
N MET A 364 -26.52 -18.15 3.75
CA MET A 364 -27.67 -19.06 3.81
C MET A 364 -27.50 -20.21 4.81
N ASN A 365 -26.29 -20.36 5.36
CA ASN A 365 -25.98 -21.26 6.48
C ASN A 365 -25.93 -22.71 6.02
N GLN B 12 7.57 37.58 -4.63
CA GLN B 12 7.00 36.20 -4.79
C GLN B 12 8.09 35.10 -4.78
N PHE B 13 9.26 35.40 -5.35
CA PHE B 13 10.30 34.37 -5.61
C PHE B 13 11.58 34.58 -4.80
N TYR B 14 12.32 33.50 -4.62
CA TYR B 14 13.71 33.57 -4.15
C TYR B 14 14.55 32.59 -4.94
N SER B 15 15.86 32.58 -4.72
CA SER B 15 16.79 31.74 -5.49
C SER B 15 17.66 30.89 -4.58
N VAL B 16 17.91 29.63 -4.97
CA VAL B 16 18.75 28.72 -4.22
C VAL B 16 19.67 27.96 -5.18
N GLU B 17 20.96 27.91 -4.84
CA GLU B 17 21.93 27.12 -5.62
C GLU B 17 21.69 25.63 -5.40
N VAL B 18 21.36 24.93 -6.49
CA VAL B 18 21.27 23.48 -6.49
C VAL B 18 22.13 22.94 -7.66
N GLY B 19 23.35 22.49 -7.33
CA GLY B 19 24.27 21.91 -8.34
C GLY B 19 24.91 22.96 -9.25
N ASP B 20 24.92 22.67 -10.55
CA ASP B 20 25.53 23.55 -11.56
C ASP B 20 24.59 24.69 -12.09
N SER B 21 23.49 24.95 -11.38
CA SER B 21 22.66 26.14 -11.62
C SER B 21 21.80 26.43 -10.37
N THR B 22 21.09 27.55 -10.39
CA THR B 22 20.22 27.94 -9.28
C THR B 22 18.77 27.68 -9.64
N PHE B 23 17.97 27.31 -8.66
CA PHE B 23 16.51 27.25 -8.81
C PHE B 23 15.93 28.54 -8.27
N THR B 24 15.08 29.20 -9.06
CA THR B 24 14.38 30.40 -8.64
C THR B 24 12.89 30.08 -8.55
N VAL B 25 12.42 29.85 -7.31
CA VAL B 25 11.10 29.23 -7.06
C VAL B 25 10.24 30.11 -6.14
N LEU B 26 8.92 29.89 -6.21
CA LEU B 26 7.95 30.57 -5.33
C LEU B 26 8.26 30.34 -3.86
N LYS B 27 8.07 31.40 -3.05
CA LYS B 27 8.47 31.40 -1.63
C LYS B 27 7.88 30.22 -0.84
N ARG B 28 6.66 29.81 -1.20
CA ARG B 28 6.04 28.61 -0.62
C ARG B 28 6.97 27.38 -0.56
N TYR B 29 7.74 27.16 -1.63
CA TYR B 29 8.66 26.01 -1.71
C TYR B 29 9.95 26.27 -0.95
N GLN B 30 10.20 25.44 0.07
CA GLN B 30 11.28 25.69 1.05
C GLN B 30 12.22 24.51 1.17
N ASN B 31 13.41 24.80 1.72
CA ASN B 31 14.51 23.82 1.90
C ASN B 31 14.67 22.82 0.73
N LEU B 32 14.95 23.36 -0.45
CA LEU B 32 15.20 22.55 -1.65
C LEU B 32 16.46 21.72 -1.50
N LYS B 33 16.37 20.45 -1.89
CA LYS B 33 17.51 19.54 -1.90
C LYS B 33 17.38 18.58 -3.09
N PRO B 34 18.49 18.25 -3.75
CA PRO B 34 18.46 17.35 -4.91
C PRO B 34 18.17 15.89 -4.53
N ILE B 35 17.27 15.26 -5.29
CA ILE B 35 16.86 13.87 -5.05
C ILE B 35 17.13 12.96 -6.25
N GLY B 36 17.83 13.48 -7.25
CA GLY B 36 18.03 12.77 -8.50
C GLY B 36 18.18 13.76 -9.64
N SER B 37 18.53 13.23 -10.80
CA SER B 37 18.66 14.03 -12.00
C SER B 37 18.63 13.14 -13.23
N GLY B 38 18.42 13.78 -14.37
CA GLY B 38 18.49 13.12 -15.67
C GLY B 38 18.48 14.16 -16.77
N ALA B 39 17.83 13.82 -17.89
CA ALA B 39 17.81 14.65 -19.10
C ALA B 39 17.27 16.05 -18.85
N GLN B 40 16.21 16.16 -18.05
CA GLN B 40 15.57 17.45 -17.76
C GLN B 40 16.15 18.16 -16.50
N GLY B 41 17.48 18.12 -16.34
CA GLY B 41 18.15 18.73 -15.20
C GLY B 41 17.98 17.98 -13.88
N ILE B 42 18.48 18.62 -12.82
CA ILE B 42 18.27 18.15 -11.46
C ILE B 42 16.79 18.32 -11.08
N VAL B 43 16.31 17.44 -10.22
CA VAL B 43 15.01 17.56 -9.60
C VAL B 43 15.27 17.72 -8.11
N CYS B 44 14.56 18.67 -7.49
CA CYS B 44 14.70 18.92 -6.08
C CYS B 44 13.48 18.43 -5.35
N ALA B 45 13.70 17.92 -4.14
CA ALA B 45 12.64 17.83 -3.13
C ALA B 45 12.56 19.18 -2.39
N ALA B 46 11.35 19.57 -2.02
CA ALA B 46 11.10 20.82 -1.30
C ALA B 46 9.89 20.63 -0.40
N TYR B 47 9.73 21.54 0.57
CA TYR B 47 8.52 21.57 1.38
C TYR B 47 7.56 22.63 0.84
N ASP B 48 6.36 22.22 0.44
CA ASP B 48 5.33 23.19 0.05
C ASP B 48 4.65 23.68 1.33
N ALA B 49 4.63 25.01 1.52
CA ALA B 49 4.01 25.64 2.70
C ALA B 49 2.50 25.83 2.54
N VAL B 50 2.05 26.29 1.36
CA VAL B 50 0.62 26.55 1.12
C VAL B 50 -0.20 25.28 1.27
N LEU B 51 0.16 24.25 0.50
CA LEU B 51 -0.28 22.86 0.76
C LEU B 51 0.66 22.37 1.85
N ASP B 52 0.21 21.43 2.69
CA ASP B 52 1.03 21.03 3.85
C ASP B 52 1.83 19.75 3.58
N ARG B 53 2.70 19.79 2.55
CA ARG B 53 3.44 18.57 2.15
C ARG B 53 4.70 18.79 1.32
N ASN B 54 5.47 17.71 1.18
CA ASN B 54 6.68 17.69 0.36
C ASN B 54 6.33 17.53 -1.11
N VAL B 55 7.21 18.06 -1.96
CA VAL B 55 7.02 18.03 -3.40
C VAL B 55 8.37 17.82 -4.10
N ALA B 56 8.27 17.44 -5.38
CA ALA B 56 9.43 17.36 -6.26
C ALA B 56 9.34 18.52 -7.23
N ILE B 57 10.46 19.19 -7.49
CA ILE B 57 10.48 20.34 -8.40
C ILE B 57 11.54 20.10 -9.47
N LYS B 58 11.13 20.23 -10.72
CA LYS B 58 12.03 20.02 -11.86
C LYS B 58 12.09 21.30 -12.60
N LYS B 59 13.30 21.73 -12.97
CA LYS B 59 13.47 22.96 -13.74
C LYS B 59 13.78 22.61 -15.18
N LEU B 60 12.99 23.12 -16.11
CA LEU B 60 13.35 23.03 -17.54
C LEU B 60 14.02 24.34 -17.98
N SER B 61 15.29 24.25 -18.38
CA SER B 61 16.09 25.43 -18.76
C SER B 61 15.92 25.74 -20.24
N ARG B 62 15.29 26.87 -20.54
CA ARG B 62 15.03 27.29 -21.91
C ARG B 62 14.50 26.15 -22.82
N PRO B 63 13.31 25.60 -22.49
CA PRO B 63 12.82 24.38 -23.19
C PRO B 63 12.46 24.54 -24.67
N PHE B 64 12.27 25.80 -25.09
CA PHE B 64 11.99 26.14 -26.48
C PHE B 64 13.28 26.35 -27.36
N GLN B 65 14.44 25.97 -26.82
CA GLN B 65 15.75 26.21 -27.45
C GLN B 65 15.94 25.56 -28.79
N ASN B 66 15.29 24.43 -29.01
CA ASN B 66 15.27 23.83 -30.33
C ASN B 66 14.04 22.93 -30.44
N GLN B 67 13.79 22.49 -31.67
CA GLN B 67 12.60 21.73 -32.04
C GLN B 67 12.43 20.47 -31.22
N THR B 68 13.51 19.73 -31.02
CA THR B 68 13.45 18.46 -30.24
C THR B 68 13.22 18.68 -28.74
N HIS B 69 13.89 19.67 -28.15
CA HIS B 69 13.63 20.02 -26.75
C HIS B 69 12.21 20.52 -26.53
N ALA B 70 11.76 21.37 -27.45
CA ALA B 70 10.48 22.06 -27.34
C ALA B 70 9.30 21.11 -27.45
N LYS B 71 9.28 20.31 -28.50
CA LYS B 71 8.20 19.35 -28.70
C LYS B 71 8.02 18.41 -27.46
N ARG B 72 9.13 18.02 -26.85
CA ARG B 72 9.13 17.12 -25.74
C ARG B 72 8.68 17.77 -24.46
N ALA B 73 9.20 18.97 -24.19
CA ALA B 73 8.75 19.75 -23.06
C ALA B 73 7.27 20.12 -23.21
N TYR B 74 6.84 20.44 -24.43
CA TYR B 74 5.47 20.85 -24.66
C TYR B 74 4.53 19.66 -24.46
N ARG B 75 4.87 18.53 -25.07
CA ARG B 75 4.11 17.27 -24.91
C ARG B 75 4.03 16.85 -23.45
N GLU B 76 5.18 16.68 -22.80
CA GLU B 76 5.25 16.40 -21.36
C GLU B 76 4.25 17.30 -20.61
N LEU B 77 4.30 18.62 -20.86
CA LEU B 77 3.51 19.62 -20.10
C LEU B 77 2.01 19.42 -20.33
N VAL B 78 1.63 19.33 -21.61
CA VAL B 78 0.25 19.08 -22.05
C VAL B 78 -0.29 17.76 -21.42
N LEU B 79 0.45 16.69 -21.58
CA LEU B 79 0.01 15.40 -21.05
C LEU B 79 -0.09 15.39 -19.51
N MET B 80 0.93 15.91 -18.83
CA MET B 80 0.97 15.93 -17.36
C MET B 80 -0.20 16.75 -16.75
N LYS B 81 -0.66 17.75 -17.47
CA LYS B 81 -1.85 18.53 -17.08
C LYS B 81 -3.11 17.75 -17.42
N CYS B 82 -3.13 17.18 -18.63
CA CYS B 82 -4.28 16.50 -19.19
C CYS B 82 -4.61 15.17 -18.47
N VAL B 83 -3.59 14.38 -18.15
CA VAL B 83 -3.78 13.04 -17.56
C VAL B 83 -3.99 13.17 -16.05
N ASN B 84 -4.88 12.33 -15.52
CA ASN B 84 -5.18 12.32 -14.10
C ASN B 84 -5.44 10.87 -13.65
N HIS B 85 -4.36 10.12 -13.35
CA HIS B 85 -4.48 8.71 -13.01
C HIS B 85 -3.60 8.42 -11.85
N LYS B 86 -4.08 7.57 -10.96
CA LYS B 86 -3.36 7.22 -9.74
C LYS B 86 -1.94 6.74 -9.99
N ASN B 87 -1.70 6.03 -11.11
CA ASN B 87 -0.38 5.48 -11.44
C ASN B 87 0.44 6.26 -12.46
N ILE B 88 0.08 7.53 -12.69
CA ILE B 88 0.86 8.45 -13.51
C ILE B 88 1.14 9.70 -12.65
N ILE B 89 2.39 10.14 -12.61
CA ILE B 89 2.75 11.30 -11.77
C ILE B 89 1.90 12.52 -12.19
N SER B 90 1.44 13.29 -11.22
CA SER B 90 0.67 14.49 -11.55
CA SER B 90 0.62 14.48 -11.49
C SER B 90 1.37 15.77 -11.15
N LEU B 91 1.00 16.80 -11.90
CA LEU B 91 1.52 18.11 -11.79
C LEU B 91 0.65 18.82 -10.76
N LEU B 92 1.24 19.13 -9.63
CA LEU B 92 0.63 20.01 -8.64
C LEU B 92 0.61 21.47 -9.10
N ASN B 93 1.69 21.90 -9.77
CA ASN B 93 1.90 23.31 -10.07
C ASN B 93 2.97 23.49 -11.15
N VAL B 94 2.76 24.52 -12.00
CA VAL B 94 3.67 24.93 -13.09
C VAL B 94 3.86 26.44 -13.01
N PHE B 95 5.11 26.89 -12.89
CA PHE B 95 5.38 28.34 -12.88
C PHE B 95 6.64 28.67 -13.61
N THR B 96 6.73 29.95 -13.95
CA THR B 96 8.00 30.55 -14.38
C THR B 96 8.28 31.80 -13.51
N PRO B 97 9.55 31.99 -13.12
CA PRO B 97 9.91 33.22 -12.40
C PRO B 97 9.89 34.48 -13.27
N GLN B 98 9.86 34.33 -14.61
CA GLN B 98 9.88 35.48 -15.51
C GLN B 98 8.49 36.07 -15.79
N LYS B 99 8.47 37.39 -15.99
CA LYS B 99 7.24 38.19 -15.93
C LYS B 99 6.56 38.46 -17.27
N THR B 100 7.28 38.25 -18.38
CA THR B 100 6.75 38.47 -19.74
C THR B 100 7.22 37.35 -20.67
N LEU B 101 6.46 37.11 -21.75
CA LEU B 101 6.89 36.27 -22.85
C LEU B 101 8.32 36.60 -23.29
N GLU B 102 8.60 37.88 -23.51
CA GLU B 102 9.92 38.30 -23.97
C GLU B 102 11.01 37.81 -23.06
N GLU B 103 10.83 37.99 -21.76
CA GLU B 103 11.83 37.54 -20.77
C GLU B 103 11.78 36.02 -20.49
N PHE B 104 10.70 35.36 -20.89
CA PHE B 104 10.45 33.94 -20.56
C PHE B 104 11.66 33.05 -20.85
N GLN B 105 12.16 32.38 -19.81
CA GLN B 105 13.28 31.43 -19.96
C GLN B 105 12.98 30.04 -19.40
N ASP B 106 12.59 29.96 -18.12
CA ASP B 106 12.58 28.70 -17.40
C ASP B 106 11.19 28.25 -16.93
N VAL B 107 10.96 26.94 -16.94
CA VAL B 107 9.71 26.34 -16.46
C VAL B 107 10.04 25.49 -15.26
N TYR B 108 9.15 25.54 -14.26
CA TYR B 108 9.32 24.71 -13.10
C TYR B 108 8.07 23.85 -13.01
N LEU B 109 8.29 22.55 -12.88
CA LEU B 109 7.19 21.61 -12.76
C LEU B 109 7.20 21.11 -11.34
N VAL B 110 6.03 21.16 -10.68
CA VAL B 110 5.92 20.72 -9.30
C VAL B 110 5.10 19.43 -9.26
N MET B 111 5.68 18.41 -8.64
CA MET B 111 5.07 17.08 -8.57
C MET B 111 4.98 16.66 -7.14
N GLU B 112 4.14 15.64 -6.89
CA GLU B 112 4.19 14.90 -5.64
C GLU B 112 5.59 14.32 -5.46
N LEU B 113 6.12 14.42 -4.24
CA LEU B 113 7.36 13.75 -3.92
C LEU B 113 7.06 12.29 -3.57
N MET B 114 7.60 11.38 -4.36
CA MET B 114 7.63 9.99 -4.02
C MET B 114 8.94 9.66 -3.31
N ASP B 115 9.02 8.45 -2.76
CA ASP B 115 10.09 8.08 -1.84
C ASP B 115 11.30 7.35 -2.42
N ALA B 116 11.14 6.73 -3.58
CA ALA B 116 12.22 5.99 -4.17
C ALA B 116 11.86 5.67 -5.64
N ASN B 117 12.88 5.42 -6.47
CA ASN B 117 12.60 4.92 -7.82
C ASN B 117 12.71 3.44 -7.80
N LEU B 118 12.29 2.78 -8.90
CA LEU B 118 12.35 1.36 -8.92
C LEU B 118 13.79 0.79 -8.92
N CYS B 119 14.81 1.56 -9.34
CA CYS B 119 16.18 1.11 -9.17
C CYS B 119 16.45 0.73 -7.69
N GLN B 120 15.95 1.52 -6.75
CA GLN B 120 16.09 1.18 -5.32
C GLN B 120 15.28 -0.04 -4.94
N VAL B 121 14.03 -0.07 -5.34
CA VAL B 121 13.14 -1.23 -5.02
C VAL B 121 13.71 -2.54 -5.53
N ILE B 122 14.33 -2.50 -6.70
CA ILE B 122 14.90 -3.69 -7.33
C ILE B 122 15.94 -4.40 -6.49
N GLN B 123 16.64 -3.65 -5.62
CA GLN B 123 17.62 -4.19 -4.68
CA GLN B 123 17.62 -4.30 -4.75
C GLN B 123 16.94 -4.99 -3.56
N MET B 124 15.68 -4.68 -3.27
CA MET B 124 14.96 -5.29 -2.11
C MET B 124 14.41 -6.66 -2.44
N GLU B 125 14.36 -7.55 -1.44
CA GLU B 125 13.70 -8.86 -1.61
C GLU B 125 12.25 -8.65 -1.25
N LEU B 126 11.35 -8.86 -2.19
CA LEU B 126 9.95 -8.49 -2.00
C LEU B 126 9.13 -9.71 -1.86
N ASP B 127 8.05 -9.58 -1.10
CA ASP B 127 7.05 -10.62 -0.99
C ASP B 127 6.17 -10.59 -2.24
N HIS B 128 5.47 -11.67 -2.48
CA HIS B 128 4.56 -11.77 -3.65
C HIS B 128 3.45 -10.72 -3.64
N GLU B 129 2.98 -10.33 -2.45
CA GLU B 129 1.94 -9.32 -2.36
C GLU B 129 2.37 -7.96 -2.90
N ARG B 130 3.50 -7.45 -2.42
CA ARG B 130 4.00 -6.17 -2.88
C ARG B 130 4.45 -6.25 -4.36
N MET B 131 5.14 -7.31 -4.73
CA MET B 131 5.65 -7.45 -6.09
C MET B 131 4.47 -7.46 -7.08
N SER B 132 3.48 -8.31 -6.83
CA SER B 132 2.29 -8.39 -7.66
C SER B 132 1.55 -7.06 -7.72
N TYR B 133 1.51 -6.34 -6.59
CA TYR B 133 0.83 -5.07 -6.53
C TYR B 133 1.55 -3.98 -7.30
N LEU B 134 2.88 -3.96 -7.21
CA LEU B 134 3.67 -3.00 -8.00
C LEU B 134 3.50 -3.28 -9.50
N LEU B 135 3.53 -4.54 -9.86
CA LEU B 135 3.32 -4.90 -11.26
C LEU B 135 1.92 -4.56 -11.76
N TYR B 136 0.90 -4.84 -10.95
CA TYR B 136 -0.46 -4.41 -11.24
C TYR B 136 -0.56 -2.94 -11.54
N GLN B 137 0.01 -2.11 -10.66
CA GLN B 137 -0.04 -0.70 -10.84
C GLN B 137 0.68 -0.23 -12.10
N MET B 138 1.83 -0.82 -12.41
CA MET B 138 2.53 -0.52 -13.62
C MET B 138 1.64 -0.78 -14.80
N LEU B 139 1.02 -1.95 -14.80
CA LEU B 139 0.15 -2.31 -15.90
C LEU B 139 -1.10 -1.39 -15.98
N CYS B 140 -1.65 -0.97 -14.82
CA CYS B 140 -2.77 0.04 -14.83
C CYS B 140 -2.33 1.34 -15.49
N GLY B 141 -1.16 1.82 -15.09
CA GLY B 141 -0.57 3.04 -15.63
C GLY B 141 -0.42 2.94 -17.14
N ILE B 142 0.22 1.86 -17.57
CA ILE B 142 0.46 1.60 -19.01
C ILE B 142 -0.89 1.50 -19.73
N LYS B 143 -1.85 0.77 -19.15
CA LYS B 143 -3.18 0.61 -19.79
C LYS B 143 -3.83 1.98 -20.02
N HIS B 144 -3.74 2.88 -19.02
CA HIS B 144 -4.24 4.19 -19.13
C HIS B 144 -3.57 5.03 -20.24
N LEU B 145 -2.23 5.03 -20.26
CA LEU B 145 -1.49 5.65 -21.33
C LEU B 145 -1.93 5.10 -22.72
N HIS B 146 -1.98 3.80 -22.85
CA HIS B 146 -2.43 3.20 -24.12
C HIS B 146 -3.85 3.64 -24.56
N SER B 147 -4.79 3.76 -23.62
CA SER B 147 -6.16 4.16 -23.95
C SER B 147 -6.22 5.56 -24.54
N ALA B 148 -5.33 6.43 -24.08
CA ALA B 148 -5.13 7.76 -24.67
C ALA B 148 -4.29 7.77 -25.98
N GLY B 149 -3.95 6.61 -26.53
CA GLY B 149 -3.09 6.53 -27.73
C GLY B 149 -1.58 6.67 -27.49
N ILE B 150 -1.14 6.61 -26.25
CA ILE B 150 0.25 6.80 -25.92
C ILE B 150 0.96 5.47 -25.65
N ILE B 151 1.91 5.13 -26.53
CA ILE B 151 2.69 3.93 -26.38
C ILE B 151 4.01 4.44 -25.90
N HIS B 152 4.44 4.00 -24.73
CA HIS B 152 5.49 4.71 -23.99
C HIS B 152 6.87 4.42 -24.63
N ARG B 153 7.23 3.12 -24.70
CA ARG B 153 8.47 2.62 -25.37
C ARG B 153 9.78 2.93 -24.65
N ASP B 154 9.72 3.59 -23.53
CA ASP B 154 10.90 3.89 -22.76
C ASP B 154 10.68 3.66 -21.27
N LEU B 155 9.86 2.68 -20.91
CA LEU B 155 9.68 2.36 -19.48
C LEU B 155 10.98 1.80 -18.92
N LYS B 156 11.42 2.32 -17.77
CA LYS B 156 12.62 1.87 -17.15
C LYS B 156 12.54 2.16 -15.63
N PRO B 157 13.31 1.44 -14.85
CA PRO B 157 13.23 1.55 -13.40
C PRO B 157 13.45 2.97 -12.87
N SER B 158 14.27 3.74 -13.53
CA SER B 158 14.59 5.11 -13.10
C SER B 158 13.41 6.09 -13.34
N ASN B 159 12.47 5.74 -14.24
CA ASN B 159 11.27 6.61 -14.51
C ASN B 159 9.97 6.06 -13.94
N ILE B 160 10.10 5.18 -12.94
CA ILE B 160 8.98 4.72 -12.18
C ILE B 160 9.33 4.88 -10.72
N VAL B 161 8.39 5.42 -9.96
CA VAL B 161 8.66 5.83 -8.58
C VAL B 161 7.63 5.27 -7.66
N VAL B 162 7.99 5.13 -6.38
CA VAL B 162 7.12 4.50 -5.43
C VAL B 162 7.11 5.30 -4.11
N LYS B 163 5.97 5.22 -3.43
CA LYS B 163 5.73 5.87 -2.15
C LYS B 163 5.72 4.78 -1.10
N SER B 164 5.98 5.19 0.15
CA SER B 164 6.01 4.31 1.30
C SER B 164 4.80 3.39 1.43
N ASP B 165 3.62 3.88 1.02
CA ASP B 165 2.37 3.08 1.02
C ASP B 165 2.24 2.09 -0.17
N CYS B 166 3.32 1.90 -0.95
CA CYS B 166 3.38 0.99 -2.12
C CYS B 166 2.67 1.49 -3.38
N THR B 167 2.21 2.74 -3.35
CA THR B 167 1.71 3.42 -4.54
C THR B 167 2.89 3.60 -5.50
N LEU B 168 2.61 3.34 -6.76
CA LEU B 168 3.60 3.39 -7.82
C LEU B 168 3.06 4.32 -8.88
N LYS B 169 3.93 5.18 -9.40
CA LYS B 169 3.58 6.13 -10.44
C LYS B 169 4.67 6.14 -11.53
N ILE B 170 4.22 6.19 -12.77
CA ILE B 170 5.12 6.40 -13.92
C ILE B 170 5.43 7.90 -14.04
N LEU B 171 6.70 8.23 -14.28
CA LEU B 171 7.15 9.66 -14.24
C LEU B 171 6.97 10.46 -15.56
N ASP B 172 6.82 9.79 -16.69
CA ASP B 172 6.75 10.49 -17.96
C ASP B 172 6.04 9.68 -19.03
N PHE B 173 5.88 10.27 -20.21
CA PHE B 173 5.08 9.72 -21.28
C PHE B 173 5.86 9.13 -22.44
N GLY B 174 7.15 8.84 -22.23
CA GLY B 174 7.95 8.12 -23.22
C GLY B 174 8.34 8.86 -24.48
N LEU B 175 8.47 8.10 -25.58
CA LEU B 175 9.04 8.60 -26.85
C LEU B 175 7.93 8.93 -27.82
N VAL B 190 21.87 7.61 -22.13
CA VAL B 190 20.53 7.02 -22.42
C VAL B 190 20.51 5.50 -22.20
N THR B 191 19.83 5.08 -21.12
CA THR B 191 19.59 3.67 -20.80
C THR B 191 18.70 2.93 -21.83
N ARG B 192 19.25 1.87 -22.41
CA ARG B 192 18.64 1.14 -23.52
C ARG B 192 18.27 -0.30 -23.12
N TYR B 193 18.52 -0.68 -21.87
CA TYR B 193 18.37 -2.09 -21.45
C TYR B 193 16.97 -2.64 -21.50
N TYR B 194 15.98 -1.77 -21.49
CA TYR B 194 14.59 -2.15 -21.35
C TYR B 194 13.83 -2.01 -22.66
N ARG B 195 14.52 -1.58 -23.75
CA ARG B 195 13.87 -1.34 -25.02
C ARG B 195 13.53 -2.69 -25.71
N ALA B 196 12.40 -2.72 -26.38
CA ALA B 196 11.89 -3.95 -26.98
C ALA B 196 12.70 -4.36 -28.22
N PRO B 197 12.79 -5.68 -28.47
CA PRO B 197 13.51 -6.14 -29.68
C PRO B 197 12.96 -5.51 -30.95
N GLU B 198 11.65 -5.48 -31.08
CA GLU B 198 11.04 -4.91 -32.28
C GLU B 198 11.44 -3.44 -32.46
N VAL B 199 11.69 -2.71 -31.35
CA VAL B 199 12.32 -1.37 -31.41
C VAL B 199 13.80 -1.47 -31.82
N ILE B 200 14.59 -2.27 -31.08
CA ILE B 200 16.03 -2.48 -31.40
C ILE B 200 16.24 -2.83 -32.88
N LEU B 201 15.39 -3.71 -33.41
CA LEU B 201 15.52 -4.25 -34.77
C LEU B 201 14.69 -3.54 -35.86
N GLY B 202 14.05 -2.43 -35.51
CA GLY B 202 13.29 -1.61 -36.48
C GLY B 202 12.24 -2.41 -37.24
N MET B 203 11.38 -3.09 -36.49
CA MET B 203 10.32 -3.91 -37.07
C MET B 203 8.93 -3.24 -37.02
N GLY B 204 8.82 -2.05 -36.46
CA GLY B 204 7.48 -1.53 -36.14
C GLY B 204 6.96 -2.23 -34.90
N TYR B 205 5.85 -1.74 -34.36
CA TYR B 205 5.40 -2.19 -33.07
C TYR B 205 3.96 -1.97 -32.85
N LYS B 206 3.43 -2.66 -31.85
CA LYS B 206 2.10 -2.42 -31.33
C LYS B 206 2.16 -2.19 -29.82
N GLU B 207 1.02 -2.10 -29.15
CA GLU B 207 0.97 -1.64 -27.76
C GLU B 207 1.77 -2.56 -26.79
N ASN B 208 1.85 -3.87 -27.11
CA ASN B 208 2.60 -4.81 -26.24
C ASN B 208 4.12 -4.68 -26.32
N VAL B 209 4.59 -3.74 -27.11
CA VAL B 209 5.95 -3.24 -27.00
C VAL B 209 6.31 -2.87 -25.52
N ASP B 210 5.35 -2.31 -24.81
CA ASP B 210 5.57 -1.90 -23.45
C ASP B 210 5.65 -3.10 -22.49
N ILE B 211 5.06 -4.25 -22.86
CA ILE B 211 5.12 -5.43 -22.05
C ILE B 211 6.53 -6.00 -21.94
N TRP B 212 7.34 -5.87 -23.00
CA TRP B 212 8.70 -6.33 -22.95
C TRP B 212 9.41 -5.58 -21.81
N SER B 213 9.26 -4.27 -21.80
CA SER B 213 9.90 -3.45 -20.75
CA SER B 213 9.89 -3.43 -20.76
C SER B 213 9.43 -3.90 -19.36
N VAL B 214 8.14 -4.22 -19.23
CA VAL B 214 7.63 -4.67 -17.93
C VAL B 214 8.27 -6.00 -17.55
N GLY B 215 8.37 -6.90 -18.52
CA GLY B 215 9.11 -8.13 -18.34
C GLY B 215 10.54 -7.94 -17.84
N CYS B 216 11.25 -7.01 -18.44
CA CYS B 216 12.64 -6.76 -18.12
C CYS B 216 12.72 -6.20 -16.70
N ILE B 217 11.76 -5.37 -16.36
CA ILE B 217 11.68 -4.76 -14.97
C ILE B 217 11.34 -5.83 -13.93
N MET B 218 10.37 -6.70 -14.27
CA MET B 218 9.97 -7.75 -13.39
C MET B 218 11.11 -8.72 -13.20
N GLY B 219 11.75 -9.12 -14.31
CA GLY B 219 12.91 -9.99 -14.26
C GLY B 219 14.00 -9.49 -13.33
N GLU B 220 14.23 -8.19 -13.41
CA GLU B 220 15.23 -7.55 -12.61
C GLU B 220 14.81 -7.45 -11.14
N MET B 221 13.53 -7.22 -10.87
CA MET B 221 13.04 -7.22 -9.51
C MET B 221 13.27 -8.58 -8.85
N VAL B 222 13.15 -9.67 -9.64
CA VAL B 222 13.37 -11.00 -9.16
C VAL B 222 14.86 -11.31 -8.99
N ARG B 223 15.67 -10.97 -10.01
CA ARG B 223 17.08 -11.31 -10.00
C ARG B 223 17.95 -10.30 -9.25
N HIS B 224 17.47 -9.07 -9.16
CA HIS B 224 18.20 -7.89 -8.55
C HIS B 224 19.34 -7.38 -9.41
N LYS B 225 19.42 -7.90 -10.65
CA LYS B 225 20.41 -7.50 -11.63
C LYS B 225 19.70 -7.31 -12.99
N ILE B 226 20.25 -6.43 -13.80
CA ILE B 226 19.67 -6.08 -15.09
C ILE B 226 19.71 -7.33 -15.95
N LEU B 227 18.63 -7.63 -16.65
CA LEU B 227 18.60 -8.86 -17.48
C LEU B 227 19.51 -8.79 -18.69
N PHE B 228 19.41 -7.69 -19.44
CA PHE B 228 20.13 -7.53 -20.68
C PHE B 228 20.99 -6.27 -20.67
N PRO B 229 22.12 -6.30 -19.93
CA PRO B 229 22.91 -5.07 -19.77
C PRO B 229 23.89 -4.83 -20.98
N GLY B 230 23.33 -4.59 -22.17
CA GLY B 230 24.14 -4.29 -23.36
C GLY B 230 24.92 -2.96 -23.27
N ARG B 231 26.20 -2.99 -23.61
CA ARG B 231 27.03 -1.79 -23.80
C ARG B 231 26.59 -1.01 -25.05
N ASP B 232 25.99 -1.74 -25.99
CA ASP B 232 25.33 -1.19 -27.11
C ASP B 232 24.31 -2.21 -27.56
N TYR B 233 23.58 -1.91 -28.62
CA TYR B 233 22.56 -2.83 -29.09
C TYR B 233 23.06 -4.16 -29.62
N ILE B 234 24.31 -4.22 -30.09
CA ILE B 234 24.85 -5.48 -30.60
C ILE B 234 25.10 -6.42 -29.43
N ASP B 235 25.67 -5.86 -28.36
CA ASP B 235 25.89 -6.55 -27.12
C ASP B 235 24.55 -6.92 -26.47
N GLN B 236 23.60 -5.99 -26.54
CA GLN B 236 22.29 -6.23 -25.94
C GLN B 236 21.61 -7.41 -26.62
N TRP B 237 21.63 -7.40 -27.94
CA TRP B 237 20.99 -8.50 -28.68
C TRP B 237 21.60 -9.86 -28.28
N ASN B 238 22.92 -9.94 -28.17
CA ASN B 238 23.58 -11.15 -27.69
C ASN B 238 23.05 -11.63 -26.34
N LYS B 239 22.98 -10.73 -25.35
CA LYS B 239 22.40 -11.07 -24.06
C LYS B 239 20.98 -11.61 -24.12
N VAL B 240 20.18 -11.06 -25.02
CA VAL B 240 18.81 -11.48 -25.19
C VAL B 240 18.77 -12.90 -25.75
N ILE B 241 19.52 -13.17 -26.80
CA ILE B 241 19.43 -14.50 -27.46
C ILE B 241 20.13 -15.57 -26.56
N GLU B 242 21.15 -15.17 -25.80
CA GLU B 242 21.90 -16.10 -24.90
C GLU B 242 20.97 -16.67 -23.82
N GLN B 243 20.01 -15.85 -23.41
CA GLN B 243 19.17 -16.17 -22.31
C GLN B 243 17.85 -16.73 -22.76
N LEU B 244 17.22 -16.12 -23.79
CA LEU B 244 15.89 -16.53 -24.25
C LEU B 244 15.90 -17.48 -25.45
N GLY B 245 17.03 -17.55 -26.13
CA GLY B 245 17.17 -18.38 -27.35
C GLY B 245 16.99 -17.57 -28.64
N THR B 246 17.57 -18.06 -29.70
CA THR B 246 17.41 -17.50 -31.02
C THR B 246 15.94 -17.53 -31.39
N PRO B 247 15.43 -16.45 -32.02
CA PRO B 247 14.02 -16.45 -32.38
C PRO B 247 13.73 -17.43 -33.53
N CYS B 248 12.46 -17.79 -33.67
CA CYS B 248 12.07 -18.77 -34.69
C CYS B 248 12.37 -18.30 -36.11
N PRO B 249 12.76 -19.26 -36.99
CA PRO B 249 12.91 -19.03 -38.43
C PRO B 249 11.81 -18.15 -39.02
N GLU B 250 10.57 -18.37 -38.58
CA GLU B 250 9.45 -17.47 -38.89
C GLU B 250 9.86 -16.03 -38.66
N PHE B 251 9.94 -15.62 -37.38
CA PHE B 251 10.25 -14.23 -36.93
C PHE B 251 11.38 -13.52 -37.70
N MET B 252 12.44 -14.27 -37.97
CA MET B 252 13.58 -13.81 -38.80
C MET B 252 13.14 -13.20 -40.13
N LYS B 253 12.24 -13.89 -40.81
CA LYS B 253 11.70 -13.49 -42.12
C LYS B 253 10.86 -12.18 -42.06
N LYS B 254 10.39 -11.81 -40.87
CA LYS B 254 9.77 -10.51 -40.65
C LYS B 254 10.80 -9.34 -40.66
N LEU B 255 12.09 -9.65 -40.56
CA LEU B 255 13.11 -8.59 -40.45
C LEU B 255 13.51 -8.05 -41.83
N GLN B 256 13.83 -6.78 -41.86
CA GLN B 256 14.41 -6.13 -43.08
C GLN B 256 15.74 -6.82 -43.45
N PRO B 257 16.04 -6.97 -44.76
CA PRO B 257 17.16 -7.83 -45.19
C PRO B 257 18.48 -7.58 -44.49
N THR B 258 18.80 -6.33 -44.29
CA THR B 258 20.06 -5.96 -43.69
C THR B 258 20.10 -6.18 -42.17
N VAL B 259 18.94 -6.25 -41.52
CA VAL B 259 18.87 -6.70 -40.10
C VAL B 259 18.88 -8.21 -40.07
N ARG B 260 17.98 -8.79 -40.84
CA ARG B 260 17.86 -10.23 -40.95
C ARG B 260 19.18 -10.94 -41.16
N ASN B 261 20.01 -10.46 -42.08
CA ASN B 261 21.24 -11.19 -42.37
C ASN B 261 22.25 -11.20 -41.18
N TYR B 262 22.31 -10.12 -40.40
CA TYR B 262 23.14 -10.13 -39.19
C TYR B 262 22.54 -11.10 -38.13
N VAL B 263 21.23 -10.95 -37.90
CA VAL B 263 20.52 -11.73 -36.89
C VAL B 263 20.54 -13.24 -37.20
N GLU B 264 20.29 -13.61 -38.45
CA GLU B 264 20.41 -15.04 -38.86
C GLU B 264 21.86 -15.57 -38.83
N ASN B 265 22.84 -14.68 -38.96
CA ASN B 265 24.27 -15.10 -38.90
C ASN B 265 24.77 -15.36 -37.50
N ARG B 266 24.02 -14.94 -36.48
CA ARG B 266 24.42 -15.19 -35.09
C ARG B 266 24.47 -16.72 -34.77
N PRO B 267 25.33 -17.10 -33.83
CA PRO B 267 25.25 -18.49 -33.28
C PRO B 267 23.81 -18.79 -32.76
N LYS B 268 23.31 -19.99 -33.04
CA LYS B 268 21.95 -20.36 -32.68
C LYS B 268 21.91 -20.82 -31.23
N TYR B 269 21.26 -20.03 -30.36
CA TYR B 269 21.09 -20.39 -28.93
C TYR B 269 19.74 -21.04 -28.72
N ALA B 270 19.69 -21.99 -27.77
CA ALA B 270 18.41 -22.54 -27.26
C ALA B 270 18.03 -21.72 -26.03
N GLY B 271 16.77 -21.58 -25.75
CA GLY B 271 16.42 -20.87 -24.46
C GLY B 271 17.04 -21.52 -23.18
N LEU B 272 17.43 -20.71 -22.19
CA LEU B 272 17.87 -21.29 -20.90
C LEU B 272 16.70 -21.95 -20.14
N THR B 273 15.49 -21.47 -20.41
CA THR B 273 14.20 -21.90 -19.81
C THR B 273 13.95 -21.08 -18.58
N PHE B 274 12.67 -20.83 -18.30
CA PHE B 274 12.32 -19.90 -17.20
C PHE B 274 12.62 -20.45 -15.77
N PRO B 275 12.44 -21.75 -15.56
CA PRO B 275 12.85 -22.26 -14.24
C PRO B 275 14.35 -22.06 -13.96
N LYS B 276 15.21 -22.15 -15.00
CA LYS B 276 16.65 -21.91 -14.84
CA LYS B 276 16.66 -21.91 -14.85
C LYS B 276 16.93 -20.42 -14.62
N LEU B 277 16.28 -19.56 -15.40
CA LEU B 277 16.46 -18.13 -15.28
C LEU B 277 15.88 -17.54 -13.96
N PHE B 278 14.71 -18.04 -13.56
CA PHE B 278 14.04 -17.52 -12.37
C PHE B 278 13.65 -18.67 -11.44
N PRO B 279 14.67 -19.30 -10.79
CA PRO B 279 14.42 -20.45 -9.88
C PRO B 279 13.68 -20.07 -8.60
N ASP B 280 12.95 -21.04 -8.03
CA ASP B 280 12.19 -20.83 -6.75
C ASP B 280 12.98 -20.11 -5.67
N SER B 281 14.29 -20.25 -5.70
CA SER B 281 15.18 -19.62 -4.70
C SER B 281 15.21 -18.11 -4.70
N LEU B 282 14.82 -17.47 -5.80
CA LEU B 282 14.74 -16.01 -5.83
C LEU B 282 13.38 -15.44 -5.33
N PHE B 283 12.39 -16.32 -5.13
CA PHE B 283 11.05 -15.96 -4.65
C PHE B 283 10.83 -16.46 -3.23
N PRO B 284 9.89 -15.85 -2.49
CA PRO B 284 9.37 -16.55 -1.33
C PRO B 284 8.82 -17.88 -1.78
N ALA B 285 9.29 -18.96 -1.17
CA ALA B 285 8.85 -20.31 -1.55
C ALA B 285 8.83 -21.30 -0.37
N ASP B 286 8.43 -20.79 0.80
CA ASP B 286 8.43 -21.53 2.08
C ASP B 286 7.03 -22.04 2.52
N SER B 287 6.03 -21.98 1.64
CA SER B 287 4.69 -22.53 1.88
C SER B 287 4.19 -23.04 0.57
N GLU B 288 3.11 -23.78 0.59
CA GLU B 288 2.50 -24.24 -0.66
C GLU B 288 1.88 -23.05 -1.42
N HIS B 289 1.41 -22.04 -0.70
CA HIS B 289 0.90 -20.82 -1.35
C HIS B 289 2.05 -20.07 -2.05
N ASN B 290 3.13 -19.80 -1.32
CA ASN B 290 4.27 -19.09 -1.91
C ASN B 290 4.91 -19.85 -3.10
N LYS B 291 4.99 -21.17 -3.03
CA LYS B 291 5.43 -21.98 -4.17
C LYS B 291 4.50 -21.85 -5.40
N LEU B 292 3.18 -21.85 -5.17
CA LEU B 292 2.25 -21.65 -6.29
C LEU B 292 2.49 -20.26 -6.91
N LYS B 293 2.63 -19.25 -6.06
CA LYS B 293 2.91 -17.89 -6.51
C LYS B 293 4.21 -17.72 -7.29
N ALA B 294 5.27 -18.36 -6.82
CA ALA B 294 6.52 -18.39 -7.60
C ALA B 294 6.29 -18.99 -9.00
N SER B 295 5.55 -20.11 -9.10
CA SER B 295 5.22 -20.71 -10.40
CA SER B 295 5.23 -20.69 -10.40
C SER B 295 4.40 -19.71 -11.27
N GLN B 296 3.46 -19.00 -10.65
CA GLN B 296 2.67 -17.97 -11.34
C GLN B 296 3.55 -16.82 -11.82
N ALA B 297 4.44 -16.33 -10.97
CA ALA B 297 5.30 -15.21 -11.34
C ALA B 297 6.15 -15.61 -12.54
N ARG B 298 6.71 -16.80 -12.46
CA ARG B 298 7.53 -17.34 -13.51
C ARG B 298 6.71 -17.51 -14.79
N ASP B 299 5.48 -17.98 -14.65
CA ASP B 299 4.61 -18.10 -15.84
C ASP B 299 4.38 -16.73 -16.52
N LEU B 300 4.12 -15.69 -15.73
CA LEU B 300 3.90 -14.36 -16.31
C LEU B 300 5.21 -13.86 -16.98
N LEU B 301 6.36 -14.04 -16.33
CA LEU B 301 7.66 -13.70 -16.97
C LEU B 301 7.85 -14.42 -18.29
N SER B 302 7.52 -15.70 -18.33
CA SER B 302 7.58 -16.45 -19.59
C SER B 302 6.70 -15.87 -20.69
N LYS B 303 5.63 -15.15 -20.32
CA LYS B 303 4.71 -14.55 -21.27
C LYS B 303 5.05 -13.12 -21.65
N MET B 304 5.81 -12.42 -20.81
CA MET B 304 6.23 -11.07 -21.09
C MET B 304 7.60 -10.97 -21.77
N LEU B 305 8.56 -11.79 -21.35
CA LEU B 305 9.91 -11.81 -21.93
C LEU B 305 9.90 -12.78 -23.10
N VAL B 306 9.23 -12.34 -24.14
CA VAL B 306 9.05 -13.11 -25.36
C VAL B 306 9.50 -12.19 -26.48
N ILE B 307 10.48 -12.62 -27.28
CA ILE B 307 11.04 -11.77 -28.30
C ILE B 307 10.01 -11.42 -29.37
N ASP B 308 9.29 -12.42 -29.86
CA ASP B 308 8.30 -12.23 -30.88
C ASP B 308 7.03 -11.58 -30.35
N PRO B 309 6.71 -10.38 -30.82
CA PRO B 309 5.50 -9.74 -30.21
C PRO B 309 4.22 -10.44 -30.55
N ALA B 310 4.22 -11.29 -31.58
CA ALA B 310 3.02 -12.07 -31.87
C ALA B 310 2.65 -13.10 -30.78
N LYS B 311 3.66 -13.48 -29.97
CA LYS B 311 3.47 -14.46 -28.90
C LYS B 311 3.56 -13.83 -27.51
N ARG B 312 3.88 -12.56 -27.42
CA ARG B 312 3.98 -11.86 -26.12
C ARG B 312 2.62 -11.41 -25.67
N ILE B 313 2.35 -11.60 -24.37
CA ILE B 313 1.08 -11.23 -23.75
C ILE B 313 0.83 -9.73 -23.85
N SER B 314 -0.46 -9.38 -23.98
CA SER B 314 -0.89 -7.99 -23.98
C SER B 314 -1.00 -7.45 -22.57
N VAL B 315 -1.11 -6.13 -22.47
CA VAL B 315 -1.41 -5.50 -21.18
C VAL B 315 -2.76 -6.02 -20.61
N ASP B 316 -3.80 -6.05 -21.42
CA ASP B 316 -5.11 -6.52 -20.92
C ASP B 316 -5.06 -7.93 -20.38
N ASP B 317 -4.35 -8.81 -21.07
CA ASP B 317 -4.23 -10.21 -20.64
C ASP B 317 -3.31 -10.39 -19.44
N ALA B 318 -2.30 -9.53 -19.33
CA ALA B 318 -1.43 -9.56 -18.20
C ALA B 318 -2.23 -9.22 -16.94
N LEU B 319 -3.17 -8.30 -17.07
CA LEU B 319 -4.00 -7.84 -15.95
C LEU B 319 -4.93 -8.95 -15.45
N GLN B 320 -5.24 -9.92 -16.34
CA GLN B 320 -6.02 -11.11 -16.00
C GLN B 320 -5.22 -12.32 -15.57
N HIS B 321 -3.91 -12.23 -15.60
CA HIS B 321 -3.05 -13.33 -15.21
C HIS B 321 -3.18 -13.60 -13.69
N PRO B 322 -3.26 -14.89 -13.28
CA PRO B 322 -3.36 -15.29 -11.86
C PRO B 322 -2.40 -14.54 -10.92
N TYR B 323 -1.20 -14.18 -11.39
CA TYR B 323 -0.25 -13.45 -10.55
C TYR B 323 -0.71 -12.06 -10.20
N ILE B 324 -1.48 -11.45 -11.12
CA ILE B 324 -1.83 -10.03 -11.08
C ILE B 324 -3.30 -9.79 -10.70
N ASN B 325 -4.18 -10.70 -11.12
CA ASN B 325 -5.59 -10.43 -11.17
C ASN B 325 -6.25 -10.31 -9.82
N VAL B 326 -5.59 -10.84 -8.80
CA VAL B 326 -6.05 -10.64 -7.42
C VAL B 326 -6.32 -9.16 -7.12
N TRP B 327 -5.56 -8.26 -7.76
CA TRP B 327 -5.72 -6.80 -7.51
C TRP B 327 -6.71 -6.08 -8.42
N TYR B 328 -7.23 -6.78 -9.44
CA TYR B 328 -7.96 -6.18 -10.49
C TYR B 328 -9.20 -5.48 -9.93
N ASP B 329 -9.37 -4.22 -10.32
CA ASP B 329 -10.49 -3.38 -9.91
C ASP B 329 -10.88 -2.43 -11.05
N PRO B 330 -12.16 -2.44 -11.46
CA PRO B 330 -12.58 -1.53 -12.58
C PRO B 330 -12.22 -0.02 -12.43
N ALA B 331 -12.18 0.50 -11.21
CA ALA B 331 -11.89 1.95 -11.00
C ALA B 331 -10.46 2.36 -11.42
N GLU B 332 -9.49 1.48 -11.23
CA GLU B 332 -8.08 1.74 -11.60
C GLU B 332 -7.77 1.29 -13.06
N VAL B 333 -8.42 0.21 -13.46
CA VAL B 333 -8.18 -0.37 -14.77
C VAL B 333 -8.92 0.39 -15.84
N GLU B 334 -10.21 0.65 -15.60
CA GLU B 334 -11.13 1.14 -16.65
C GLU B 334 -11.55 2.61 -16.44
N ALA B 335 -10.61 3.45 -16.00
CA ALA B 335 -10.88 4.88 -15.79
C ALA B 335 -11.09 5.59 -17.15
N PRO B 336 -11.52 6.86 -17.14
CA PRO B 336 -11.79 7.52 -18.44
C PRO B 336 -10.52 7.85 -19.24
N PRO B 337 -10.36 7.30 -20.49
CA PRO B 337 -9.27 7.73 -21.36
C PRO B 337 -9.32 9.22 -21.65
N PRO B 338 -8.17 9.92 -21.54
CA PRO B 338 -8.09 11.22 -22.20
C PRO B 338 -7.72 11.05 -23.70
N GLN B 339 -8.51 10.22 -24.42
CA GLN B 339 -8.23 9.80 -25.82
C GLN B 339 -8.22 11.01 -26.78
N ARG B 348 4.98 17.99 -35.74
CA ARG B 348 4.68 19.30 -36.33
C ARG B 348 5.76 20.33 -35.95
N GLU B 349 6.53 20.80 -36.95
CA GLU B 349 7.63 21.74 -36.72
C GLU B 349 7.11 23.16 -36.45
N HIS B 350 7.78 23.85 -35.55
CA HIS B 350 7.48 25.25 -35.26
C HIS B 350 8.79 25.98 -35.10
N THR B 351 8.80 27.27 -35.40
CA THR B 351 9.95 28.14 -35.09
C THR B 351 10.20 28.19 -33.57
N ILE B 352 11.39 28.63 -33.21
CA ILE B 352 11.73 28.85 -31.84
C ILE B 352 10.73 29.83 -31.18
N GLU B 353 10.34 30.88 -31.90
CA GLU B 353 9.46 31.90 -31.33
C GLU B 353 8.06 31.31 -31.13
N GLU B 354 7.61 30.52 -32.10
CA GLU B 354 6.38 29.75 -32.00
C GLU B 354 6.35 28.80 -30.77
N TRP B 355 7.42 28.02 -30.57
CA TRP B 355 7.54 27.12 -29.43
C TRP B 355 7.61 27.88 -28.14
N LYS B 356 8.33 28.99 -28.13
CA LYS B 356 8.45 29.79 -26.94
C LYS B 356 7.05 30.26 -26.45
N GLU B 357 6.26 30.77 -27.41
CA GLU B 357 4.88 31.19 -27.21
C GLU B 357 3.97 30.04 -26.76
N LEU B 358 3.98 28.93 -27.49
CA LEU B 358 3.20 27.74 -27.07
C LEU B 358 3.47 27.34 -25.63
N ILE B 359 4.74 27.16 -25.31
CA ILE B 359 5.09 26.73 -23.97
C ILE B 359 4.71 27.79 -22.95
N TYR B 360 4.94 29.07 -23.29
CA TYR B 360 4.57 30.19 -22.39
C TYR B 360 3.07 30.18 -22.12
N LYS B 361 2.28 29.95 -23.16
CA LYS B 361 0.80 29.89 -23.07
C LYS B 361 0.36 28.80 -22.08
N GLU B 362 1.06 27.66 -22.12
CA GLU B 362 0.74 26.53 -21.28
C GLU B 362 1.14 26.79 -19.85
N VAL B 363 2.27 27.45 -19.65
CA VAL B 363 2.69 27.78 -18.29
C VAL B 363 1.71 28.79 -17.67
N MET B 364 1.09 29.63 -18.50
CA MET B 364 0.13 30.68 -18.05
C MET B 364 -1.33 30.20 -18.00
N ASN B 365 -1.70 29.25 -18.86
CA ASN B 365 -3.07 28.72 -18.91
C ASN B 365 -3.40 27.89 -17.66
MG MG C . -13.36 -3.14 10.34
NA NA D . -17.43 -13.44 19.95
NA NA E . 17.91 7.57 13.72
C1 BME F . -17.05 4.74 29.87
C2 BME F . -16.56 3.53 29.09
O1 BME F . -18.17 5.25 29.17
S2 BME F . -15.08 2.87 29.87
PG ACP G . -12.82 0.19 10.71
O1G ACP G . -13.55 1.15 11.66
O2G ACP G . -11.39 0.58 10.67
O3G ACP G . -12.93 -1.19 11.20
PB ACP G . -15.09 -0.82 8.70
O1B ACP G . -15.75 -0.59 7.33
O2B ACP G . -14.75 -2.30 8.85
C3B ACP G . -13.56 0.26 8.94
PA ACP G . -16.69 -0.80 11.16
O1A ACP G . -17.31 -2.17 11.00
O2A ACP G . -15.54 -0.89 12.08
O3A ACP G . -16.29 -0.28 9.70
O5' ACP G . -17.72 0.28 11.84
C5' ACP G . -17.33 1.65 11.82
C4' ACP G . -17.91 2.32 13.13
O4' ACP G . -19.32 1.75 13.39
C3' ACP G . -17.12 1.88 14.37
O3' ACP G . -15.94 2.62 14.45
C2' ACP G . -18.01 2.08 15.35
O2' ACP G . -18.17 3.37 15.74
C1' ACP G . -19.39 1.56 14.68
N9 ACP G . -19.74 0.16 14.94
C8 ACP G . -19.52 -0.92 14.18
N7 ACP G . -20.06 -1.97 14.76
C5 ACP G . -20.65 -1.56 15.88
C6 ACP G . -21.35 -2.18 16.90
N6 ACP G . -21.57 -3.62 16.87
N1 ACP G . -21.79 -1.45 17.91
C2 ACP G . -21.58 -0.13 17.95
N3 ACP G . -20.91 0.48 17.02
C4 ACP G . -20.42 -0.21 16.00
C1 C15 H . 6.85 -10.34 4.27
C2 C15 H . 8.33 -10.63 4.62
C3 C15 H . 9.28 -9.48 4.31
C5 C15 H . 9.78 4.21 6.38
C6 C15 H . 8.85 3.35 5.52
C7 C15 H . 9.60 2.16 4.90
C8 C15 H . 8.77 1.32 3.90
N1 C15 H . 10.19 -9.77 3.21
C1N C15 H . 9.71 -10.11 1.89
C2N C15 H . 11.47 -10.40 3.49
C9 C15 H . 9.65 0.15 3.41
C10 C15 H . 8.94 -1.07 2.76
C11 C15 H . 9.68 -2.41 3.05
C12 C15 H . 9.76 -3.40 1.87
C13 C15 H . 9.19 -4.82 2.11
C14 C15 H . 10.25 -5.91 2.35
C15 C15 H . 9.71 -7.34 2.22
C16 C15 H . 10.67 -8.34 2.94
S1 C15 H . 6.06 -9.36 5.38
O1S C15 H . 5.08 -8.55 4.72
O2S C15 H . 7.00 -8.49 6.07
O3S C15 H . 5.27 -10.26 6.50
C1 PEG I . 12.83 11.71 1.97
O1 PEG I . 13.89 12.11 1.08
C2 PEG I . 12.12 10.50 1.38
O2 PEG I . 13.01 9.37 1.41
C3 PEG I . 12.48 8.21 2.07
C4 PEG I . 13.26 6.97 1.67
O4 PEG I . 12.63 5.80 2.19
CL CL J . -0.84 -4.44 -25.09
PG ACP K . 13.26 10.02 -18.79
O1G ACP K . 12.65 10.96 -19.79
O2G ACP K . 14.68 9.64 -19.19
O3G ACP K . 12.45 8.78 -18.66
PB ACP K . 15.06 11.40 -16.62
O1B ACP K . 15.57 12.42 -17.67
O2B ACP K . 15.96 10.13 -16.62
C3B ACP K . 13.32 10.94 -17.11
PA ACP K . 13.99 12.65 -14.14
O1A ACP K . 12.61 12.39 -14.61
O2A ACP K . 14.22 14.11 -13.94
O3A ACP K . 15.18 12.08 -15.13
O5' ACP K . 14.16 11.91 -12.67
C5' ACP K . 15.43 11.52 -12.23
C4' ACP K . 15.22 10.88 -10.79
O4' ACP K . 14.61 11.96 -9.88
C3' ACP K . 14.12 9.76 -10.77
O3' ACP K . 14.70 8.54 -11.12
C2' ACP K . 13.74 9.78 -9.50
O2' ACP K . 14.59 9.17 -8.67
C1' ACP K . 13.72 11.35 -9.11
N9 ACP K . 12.38 11.99 -9.30
C8 ACP K . 11.92 12.67 -10.35
N7 ACP K . 10.65 13.07 -10.11
C5 ACP K . 10.33 12.63 -8.88
C6 ACP K . 9.20 12.72 -8.10
N6 ACP K . 7.99 13.43 -8.58
N1 ACP K . 9.20 12.13 -6.89
C2 ACP K . 10.28 11.49 -6.44
N3 ACP K . 11.40 11.36 -7.15
C4 ACP K . 11.43 11.93 -8.38
C1 PEG L . 10.13 3.65 0.17
O1 PEG L . 11.33 3.89 0.90
C2 PEG L . 10.20 2.22 -0.31
O2 PEG L . 9.08 1.88 -1.13
C3 PEG L . 9.22 0.53 -1.59
C4 PEG L . 7.94 -0.01 -2.19
O4 PEG L . 8.01 -1.43 -2.18
C1 PEG M . 25.50 -1.03 -36.32
O1 PEG M . 26.33 -0.28 -37.22
C2 PEG M . 24.86 -0.13 -35.24
O2 PEG M . 24.04 -0.91 -34.32
C3 PEG M . 22.83 -0.24 -33.86
C4 PEG M . 21.61 -0.80 -34.62
O4 PEG M . 20.40 -0.04 -34.33
#